data_9M0R
#
_entry.id   9M0R
#
_cell.length_a   1.00
_cell.length_b   1.00
_cell.length_c   1.00
_cell.angle_alpha   90.00
_cell.angle_beta   90.00
_cell.angle_gamma   90.00
#
_symmetry.space_group_name_H-M   'P 1'
#
loop_
_entity.id
_entity.type
_entity.pdbx_description
1 polymer 'Guanine nucleotide-binding protein G(I)/G(S)/G(T) subunit beta-1'
2 polymer 'Guanine nucleotide-binding protein G(I)/G(S)/G(O) subunit gamma-2'
3 polymer 'neuropeptide VF'
4 polymer 'Guanine nucleotide-binding protein G(i) subunit alpha-1'
5 polymer 'Neuropeptide FF receptor 1'
6 polymer scFv16
#
loop_
_entity_poly.entity_id
_entity_poly.type
_entity_poly.pdbx_seq_one_letter_code
_entity_poly.pdbx_strand_id
1 'polypeptide(L)'
;MHHHHHHGSLLQSELDQLRQEAEQLKNQIRDARKACADATLSQITNNIDPVGRIQMRTRRTLRGHLAKIYAMHWGTDSRL
LVSASQDGKLIIWDSYTTNKVHAIPLRSSWVMTCAYAPSGNYVACGGLDNICSIYNLKTREGNVRVSRELAGHTGYLSCC
RFLDDNQIVTSSGDTTCALWDIETGQQTTTFTGHTGDVMSLSLAPDTRLFVSGACDASAKLWDVREGMCRQTFTGHESDI
NAICFFPNGNAFATGSDDATCRLFDLRADQELMTYSHDNIICGITSVSFSKSGRLLLAGYDDFNCNVWDALKADRAGVLA
GHDNRVSCLGVTDDGMAVATGSWDSFLKIWNGSSGGGGSGGGGSSG
;
B
2 'polypeptide(L)' MASNNTASIAQARKLVEQLKMEANIDRIKVSKAAADLMAYCEAHAKEDPLLTPVPASENPFREKKFFCAIL G
3 'polypeptide(L)' VPNLPQRF(NH2) L
4 'polypeptide(L)'
;MGCTLSAEDKAAVERSKMIDRNLREDGEKAAREVKLLLLGAGESGKSTIVKQMKIIHEAGYSEEECKQYKAVVYSNTIQS
IIAIIRAMGRLKIDFGDSARADDARQLFVLAGAAEEGFMTAELAGVIKRLWKDSGVQACFNRSREYQLNDSAAYYLNDLD
RIAQPNYIPTQQDVLRTRVKTTGIVETHFTFKDLHFKMFDVGAQRSERKKWIHCFEGVTAIIFCVALSDYDLVLAEDEEM
NRMHESMKLFDSICNNKWFTDTSIILFLNKKDLFEEKIKKSPLTICYPEYAGSNTYEEAAAYIQCQFEDLNKRKDTKEIY
THFTCSTDTKNVQFVFDAVTDVIIKNNLKDCGLF
;
A
5 'polypeptide(L)'
;MEGEPSQPPNSSWPLSQNGTNTEATPATNLTFSSYYQHTSPVAAMFIVAYALIFLLCMVGNTLVCFIVLKNRHMHTVTNM
FILNLAVSDLLVGIFCMPTTLVDNLITGWPFDNATCKMSGLVQGMSVSASVFTLVAIAVERFRCIVHPFREKLTLRKALV
TIAVIWALALLIMCPSAVTLTVTREEHHFMVDARNRSYPLYSCWEAWPEKGMRRVYTTVLFSHIYLAPLALIVVMYARIA
RKLCQAPGPAPGGEEAADPRASRRRARVVHMLVMVALFFTLSWLPLWALLLLIDYGQLSAPQLHLVTVYAFPFAHWLAFF
NSSANPIIYGYFNENFRRGFQAAFRARLCPRPSGSHKEAYSER
;
R
6 'polypeptide(L)'
;VQLVESGGGLVQPGGSRKLSCSASGFAFSSFGMHWVRQAPEKGLEWVAYISSGSGTIYYADTVKGRFTISRDDPKNTLFL
QMTSLRSEDTAMYYCVRSIYYYGSSPFDFWGQGTTLTVSAGGGGSGGGGSGGGGSADIVMTQATSSVPVTPGESVSISCR
SSKSLLHSNGNTYLYWFLQRPGQSPQLLIYRMSNLASGVPDRFSGSGSGTAFTLTISRLEAEDVGVYYCMQHLEYPLTFG
AGTKLEL
;
S
#
# COMPACT_ATOMS: atom_id res chain seq x y z
N GLN A 12 -33.74 -39.74 -17.23
CA GLN A 12 -34.71 -40.58 -17.90
C GLN A 12 -34.64 -40.40 -19.42
N SER A 13 -35.64 -40.92 -20.12
CA SER A 13 -35.68 -40.79 -21.57
C SER A 13 -35.81 -39.33 -21.99
N GLU A 14 -36.67 -38.57 -21.29
CA GLU A 14 -36.84 -37.16 -21.63
C GLU A 14 -35.56 -36.38 -21.40
N LEU A 15 -34.87 -36.64 -20.28
CA LEU A 15 -33.62 -35.94 -19.99
C LEU A 15 -32.54 -36.28 -21.02
N ASP A 16 -32.45 -37.55 -21.41
CA ASP A 16 -31.48 -37.94 -22.43
C ASP A 16 -31.80 -37.29 -23.77
N GLN A 17 -33.08 -37.23 -24.14
CA GLN A 17 -33.46 -36.56 -25.38
C GLN A 17 -33.12 -35.08 -25.34
N LEU A 18 -33.34 -34.44 -24.19
CA LEU A 18 -32.99 -33.03 -24.05
C LEU A 18 -31.48 -32.82 -24.16
N ARG A 19 -30.71 -33.72 -23.56
CA ARG A 19 -29.25 -33.63 -23.68
C ARG A 19 -28.80 -33.80 -25.14
N GLN A 20 -29.41 -34.74 -25.86
CA GLN A 20 -29.06 -34.93 -27.26
C GLN A 20 -29.43 -33.70 -28.09
N GLU A 21 -30.59 -33.10 -27.81
CA GLU A 21 -30.97 -31.87 -28.50
C GLU A 21 -29.98 -30.75 -28.21
N ALA A 22 -29.56 -30.62 -26.95
CA ALA A 22 -28.58 -29.61 -26.60
C ALA A 22 -27.25 -29.83 -27.32
N GLU A 23 -26.81 -31.09 -27.40
CA GLU A 23 -25.58 -31.39 -28.12
C GLU A 23 -25.71 -31.06 -29.60
N GLN A 24 -26.87 -31.38 -30.20
CA GLN A 24 -27.09 -31.05 -31.60
C GLN A 24 -27.07 -29.54 -31.81
N LEU A 25 -27.68 -28.78 -30.90
CA LEU A 25 -27.67 -27.32 -31.03
C LEU A 25 -26.25 -26.77 -30.89
N LYS A 26 -25.47 -27.34 -29.97
CA LYS A 26 -24.07 -26.91 -29.82
C LYS A 26 -23.28 -27.20 -31.09
N ASN A 27 -23.48 -28.37 -31.68
CA ASN A 27 -22.79 -28.71 -32.92
C ASN A 27 -23.21 -27.76 -34.05
N GLN A 28 -24.50 -27.42 -34.10
CA GLN A 28 -24.95 -26.47 -35.11
C GLN A 28 -24.32 -25.10 -34.92
N ILE A 29 -24.21 -24.64 -33.67
CA ILE A 29 -23.58 -23.35 -33.40
C ILE A 29 -22.12 -23.38 -33.81
N ARG A 30 -21.42 -24.47 -33.47
CA ARG A 30 -20.01 -24.59 -33.85
C ARG A 30 -19.85 -24.61 -35.37
N ASP A 31 -20.74 -25.31 -36.07
CA ASP A 31 -20.66 -25.37 -37.52
C ASP A 31 -20.91 -24.00 -38.14
N ALA A 32 -21.88 -23.25 -37.61
CA ALA A 32 -22.12 -21.90 -38.10
C ALA A 32 -20.90 -21.00 -37.86
N ARG A 33 -20.28 -21.13 -36.69
CA ARG A 33 -19.08 -20.35 -36.40
C ARG A 33 -17.96 -20.70 -37.39
N LYS A 34 -17.77 -21.99 -37.67
CA LYS A 34 -16.74 -22.40 -38.62
C LYS A 34 -17.06 -21.89 -40.02
N ALA A 35 -18.33 -21.92 -40.42
CA ALA A 35 -18.71 -21.43 -41.75
C ALA A 35 -18.43 -19.94 -41.87
N CYS A 36 -18.70 -19.17 -40.81
CA CYS A 36 -18.39 -17.75 -40.85
C CYS A 36 -16.90 -17.48 -40.64
N ALA A 37 -16.10 -18.50 -40.35
CA ALA A 37 -14.66 -18.34 -40.14
C ALA A 37 -13.94 -18.71 -41.44
N ASP A 38 -13.49 -17.69 -42.17
CA ASP A 38 -12.74 -17.89 -43.40
C ASP A 38 -11.32 -17.35 -43.34
N ALA A 39 -11.12 -16.16 -42.79
CA ALA A 39 -9.80 -15.55 -42.68
C ALA A 39 -9.62 -15.01 -41.28
N THR A 40 -8.55 -15.43 -40.62
CA THR A 40 -8.26 -14.96 -39.27
C THR A 40 -7.84 -13.50 -39.30
N LEU A 41 -8.15 -12.78 -38.22
CA LEU A 41 -7.81 -11.37 -38.16
C LEU A 41 -6.30 -11.14 -38.22
N SER A 42 -5.52 -12.12 -37.74
CA SER A 42 -4.07 -12.00 -37.82
C SER A 42 -3.59 -11.96 -39.27
N GLN A 43 -4.19 -12.77 -40.15
CA GLN A 43 -3.79 -12.76 -41.54
C GLN A 43 -4.09 -11.41 -42.20
N ILE A 44 -5.24 -10.84 -41.89
CA ILE A 44 -5.65 -9.59 -42.55
C ILE A 44 -4.74 -8.43 -42.13
N THR A 45 -4.29 -8.43 -40.88
CA THR A 45 -3.47 -7.36 -40.36
C THR A 45 -1.98 -7.59 -40.58
N ASN A 46 -1.60 -8.66 -41.27
CA ASN A 46 -0.19 -8.96 -41.48
C ASN A 46 0.53 -7.89 -42.29
N ASN A 47 -0.20 -7.11 -43.09
CA ASN A 47 0.40 -6.09 -43.93
C ASN A 47 0.43 -4.72 -43.29
N ILE A 48 -0.06 -4.57 -42.07
CA ILE A 48 -0.10 -3.27 -41.42
C ILE A 48 1.20 -3.03 -40.66
N ASP A 49 1.51 -1.77 -40.43
CA ASP A 49 2.74 -1.39 -39.76
C ASP A 49 2.63 -1.67 -38.28
N PRO A 50 3.53 -2.47 -37.69
CA PRO A 50 3.46 -2.73 -36.25
C PRO A 50 3.77 -1.46 -35.46
N VAL A 51 3.18 -1.39 -34.27
CA VAL A 51 3.52 -0.31 -33.36
C VAL A 51 4.95 -0.50 -32.86
N GLY A 52 5.55 0.59 -32.43
CA GLY A 52 6.89 0.53 -31.89
C GLY A 52 6.89 -0.07 -30.50
N ARG A 53 8.07 -0.06 -29.89
CA ARG A 53 8.20 -0.52 -28.51
C ARG A 53 7.53 0.51 -27.62
N ILE A 54 6.34 0.19 -27.12
CA ILE A 54 5.58 1.12 -26.30
C ILE A 54 6.26 1.22 -24.94
N GLN A 55 6.93 2.33 -24.69
CA GLN A 55 7.62 2.57 -23.44
C GLN A 55 6.81 3.57 -22.61
N MET A 56 6.48 3.19 -21.38
CA MET A 56 5.75 4.05 -20.47
C MET A 56 6.56 4.23 -19.20
N ARG A 57 6.43 5.41 -18.60
CA ARG A 57 7.15 5.75 -17.37
C ARG A 57 6.14 6.02 -16.27
N THR A 58 6.51 5.69 -15.04
CA THR A 58 5.66 5.93 -13.89
C THR A 58 5.67 7.42 -13.59
N ARG A 59 4.61 8.11 -14.03
CA ARG A 59 4.52 9.54 -13.76
C ARG A 59 4.21 9.82 -12.30
N ARG A 60 3.30 9.05 -11.71
CA ARG A 60 2.88 9.27 -10.33
C ARG A 60 2.79 7.95 -9.60
N THR A 61 3.05 8.00 -8.30
CA THR A 61 2.89 6.86 -7.40
C THR A 61 1.98 7.30 -6.27
N LEU A 62 0.86 6.62 -6.11
CA LEU A 62 -0.13 6.95 -5.09
C LEU A 62 0.10 6.04 -3.88
N ARG A 63 0.49 6.64 -2.76
CA ARG A 63 0.79 5.90 -1.55
C ARG A 63 -0.19 6.27 -0.46
N GLY A 64 -0.40 5.34 0.47
CA GLY A 64 -1.33 5.57 1.56
C GLY A 64 -2.13 4.33 1.91
N HIS A 65 -2.37 3.46 0.94
CA HIS A 65 -2.99 2.18 1.23
C HIS A 65 -2.02 1.30 2.01
N LEU A 66 -2.55 0.52 2.96
CA LEU A 66 -1.72 -0.28 3.84
C LEU A 66 -2.02 -1.78 3.70
N ALA A 67 -2.52 -2.20 2.55
CA ALA A 67 -2.80 -3.61 2.30
C ALA A 67 -2.95 -3.79 0.80
N LYS A 68 -3.22 -5.02 0.39
CA LYS A 68 -3.31 -5.34 -1.03
C LYS A 68 -4.47 -4.61 -1.68
N ILE A 69 -4.16 -3.79 -2.68
CA ILE A 69 -5.20 -3.13 -3.46
C ILE A 69 -5.86 -4.16 -4.35
N TYR A 70 -7.19 -4.13 -4.40
CA TYR A 70 -7.94 -5.12 -5.17
C TYR A 70 -8.67 -4.55 -6.38
N ALA A 71 -9.06 -3.27 -6.34
CA ALA A 71 -9.75 -2.70 -7.48
C ALA A 71 -9.50 -1.20 -7.53
N MET A 72 -9.61 -0.64 -8.73
CA MET A 72 -9.57 0.79 -8.95
C MET A 72 -10.48 1.12 -10.12
N HIS A 73 -10.95 2.36 -10.16
CA HIS A 73 -11.76 2.82 -11.28
C HIS A 73 -11.52 4.30 -11.50
N TRP A 74 -11.31 4.67 -12.76
CA TRP A 74 -11.15 6.06 -13.15
C TRP A 74 -12.51 6.76 -13.20
N GLY A 75 -12.51 8.02 -12.79
CA GLY A 75 -13.65 8.87 -13.08
C GLY A 75 -13.68 9.27 -14.54
N THR A 76 -14.86 9.69 -15.00
CA THR A 76 -15.01 10.04 -16.41
C THR A 76 -14.25 11.30 -16.79
N ASP A 77 -13.81 12.09 -15.81
CA ASP A 77 -13.05 13.30 -16.09
C ASP A 77 -11.56 13.03 -16.25
N SER A 78 -11.13 11.78 -16.16
CA SER A 78 -9.75 11.36 -16.36
C SER A 78 -8.79 12.00 -15.38
N ARG A 79 -9.29 12.44 -14.25
CA ARG A 79 -8.44 13.05 -13.23
C ARG A 79 -8.61 12.41 -11.87
N LEU A 80 -9.83 12.05 -11.49
CA LEU A 80 -10.10 11.42 -10.21
C LEU A 80 -10.19 9.91 -10.40
N LEU A 81 -9.82 9.18 -9.36
CA LEU A 81 -9.95 7.72 -9.37
C LEU A 81 -10.20 7.25 -7.95
N VAL A 82 -10.79 6.07 -7.83
CA VAL A 82 -11.10 5.47 -6.54
C VAL A 82 -10.42 4.12 -6.48
N SER A 83 -10.00 3.71 -5.29
CA SER A 83 -9.34 2.43 -5.11
C SER A 83 -9.67 1.87 -3.73
N ALA A 84 -9.79 0.54 -3.67
CA ALA A 84 -10.05 -0.18 -2.44
C ALA A 84 -8.94 -1.18 -2.21
N SER A 85 -8.53 -1.37 -0.96
CA SER A 85 -7.32 -2.15 -0.73
C SER A 85 -7.44 -3.12 0.45
N GLN A 86 -8.66 -3.49 0.83
CA GLN A 86 -8.89 -4.48 1.88
C GLN A 86 -8.26 -4.10 3.21
N ASP A 87 -7.89 -2.84 3.38
CA ASP A 87 -7.56 -2.30 4.69
C ASP A 87 -8.74 -1.53 5.26
N GLY A 88 -9.93 -1.76 4.73
CA GLY A 88 -11.13 -1.04 5.13
C GLY A 88 -11.12 0.41 4.74
N LYS A 89 -10.57 0.75 3.58
CA LYS A 89 -10.49 2.12 3.13
C LYS A 89 -10.80 2.20 1.64
N LEU A 90 -11.64 3.15 1.27
CA LEU A 90 -11.89 3.54 -0.11
C LEU A 90 -11.33 4.94 -0.30
N ILE A 91 -10.23 5.05 -1.04
CA ILE A 91 -9.56 6.33 -1.21
C ILE A 91 -9.86 6.85 -2.61
N ILE A 92 -10.25 8.12 -2.68
CA ILE A 92 -10.42 8.82 -3.94
C ILE A 92 -9.21 9.72 -4.13
N TRP A 93 -8.51 9.55 -5.25
CA TRP A 93 -7.26 10.23 -5.52
C TRP A 93 -7.45 11.30 -6.59
N ASP A 94 -6.77 12.42 -6.41
CA ASP A 94 -6.55 13.38 -7.48
C ASP A 94 -5.26 12.96 -8.17
N SER A 95 -5.39 12.33 -9.35
CA SER A 95 -4.22 11.74 -9.98
C SER A 95 -3.24 12.79 -10.49
N TYR A 96 -3.66 14.04 -10.64
CA TYR A 96 -2.76 15.07 -11.13
C TYR A 96 -1.78 15.50 -10.04
N THR A 97 -2.24 15.57 -8.80
CA THR A 97 -1.43 16.07 -7.69
C THR A 97 -1.20 15.04 -6.60
N THR A 98 -1.61 13.79 -6.82
CA THR A 98 -1.54 12.70 -5.84
C THR A 98 -2.22 13.05 -4.52
N ASN A 99 -3.11 14.03 -4.52
CA ASN A 99 -3.81 14.40 -3.30
C ASN A 99 -4.93 13.40 -3.01
N LYS A 100 -5.19 13.18 -1.73
CA LYS A 100 -6.29 12.32 -1.30
C LYS A 100 -7.53 13.17 -1.12
N VAL A 101 -8.48 13.06 -2.04
CA VAL A 101 -9.72 13.81 -1.93
C VAL A 101 -10.57 13.28 -0.79
N HIS A 102 -10.73 11.96 -0.71
CA HIS A 102 -11.59 11.34 0.28
C HIS A 102 -10.95 10.06 0.78
N ALA A 103 -11.29 9.70 2.02
CA ALA A 103 -10.89 8.42 2.62
C ALA A 103 -12.12 7.85 3.31
N ILE A 104 -12.80 6.91 2.64
CA ILE A 104 -14.08 6.39 3.09
C ILE A 104 -13.81 5.10 3.87
N PRO A 105 -14.16 5.04 5.16
CA PRO A 105 -14.03 3.79 5.90
C PRO A 105 -15.14 2.82 5.54
N LEU A 106 -14.77 1.57 5.27
CA LEU A 106 -15.72 0.54 4.87
C LEU A 106 -16.13 -0.29 6.07
N ARG A 107 -17.42 -0.65 6.11
CA ARG A 107 -17.90 -1.53 7.17
C ARG A 107 -17.27 -2.91 7.07
N SER A 108 -17.13 -3.43 5.86
CA SER A 108 -16.49 -4.72 5.62
C SER A 108 -15.17 -4.48 4.90
N SER A 109 -14.07 -4.90 5.50
CA SER A 109 -12.75 -4.69 4.96
C SER A 109 -12.33 -5.76 3.95
N TRP A 110 -13.28 -6.51 3.42
CA TRP A 110 -13.02 -7.59 2.47
C TRP A 110 -13.49 -7.21 1.08
N VAL A 111 -13.27 -5.95 0.72
CA VAL A 111 -13.76 -5.42 -0.56
C VAL A 111 -12.96 -6.04 -1.69
N MET A 112 -13.67 -6.47 -2.74
CA MET A 112 -13.06 -7.07 -3.91
C MET A 112 -13.25 -6.26 -5.17
N THR A 113 -14.10 -5.22 -5.15
CA THR A 113 -14.36 -4.42 -6.33
C THR A 113 -14.76 -3.02 -5.92
N CYS A 114 -14.61 -2.09 -6.85
CA CYS A 114 -15.03 -0.71 -6.64
C CYS A 114 -15.39 -0.10 -7.99
N ALA A 115 -16.21 0.94 -7.94
CA ALA A 115 -16.68 1.60 -9.15
C ALA A 115 -16.86 3.08 -8.90
N TYR A 116 -16.78 3.86 -9.97
CA TYR A 116 -16.98 5.29 -9.96
C TYR A 116 -18.16 5.61 -10.88
N ALA A 117 -19.14 6.35 -10.36
CA ALA A 117 -20.28 6.70 -11.18
C ALA A 117 -19.85 7.65 -12.30
N PRO A 118 -20.39 7.49 -13.51
CA PRO A 118 -20.01 8.41 -14.59
C PRO A 118 -20.36 9.86 -14.30
N SER A 119 -21.34 10.12 -13.43
CA SER A 119 -21.62 11.49 -13.03
C SER A 119 -20.61 12.00 -12.01
N GLY A 120 -19.89 11.11 -11.34
CA GLY A 120 -18.95 11.50 -10.32
C GLY A 120 -19.54 11.71 -8.94
N ASN A 121 -20.84 11.46 -8.76
CA ASN A 121 -21.48 11.70 -7.48
C ASN A 121 -21.43 10.52 -6.53
N TYR A 122 -21.20 9.30 -7.04
CA TYR A 122 -21.26 8.11 -6.21
C TYR A 122 -20.08 7.21 -6.52
N VAL A 123 -19.71 6.41 -5.51
CA VAL A 123 -18.75 5.31 -5.69
C VAL A 123 -19.35 4.08 -5.03
N ALA A 124 -19.17 2.92 -5.68
CA ALA A 124 -19.68 1.67 -5.17
C ALA A 124 -18.52 0.74 -4.83
N CYS A 125 -18.76 -0.17 -3.89
CA CYS A 125 -17.76 -1.16 -3.52
C CYS A 125 -18.46 -2.36 -2.91
N GLY A 126 -17.80 -3.51 -2.95
CA GLY A 126 -18.37 -4.72 -2.39
C GLY A 126 -17.35 -5.82 -2.41
N GLY A 127 -17.70 -6.93 -1.76
CA GLY A 127 -16.76 -8.02 -1.59
C GLY A 127 -17.34 -9.23 -0.90
N LEU A 128 -16.62 -9.77 0.08
CA LEU A 128 -17.03 -11.02 0.72
C LEU A 128 -18.28 -10.87 1.57
N ASP A 129 -18.77 -9.66 1.79
CA ASP A 129 -20.00 -9.46 2.53
C ASP A 129 -21.24 -9.57 1.65
N ASN A 130 -21.09 -9.86 0.36
CA ASN A 130 -22.18 -10.04 -0.59
C ASN A 130 -23.04 -8.80 -0.75
N ILE A 131 -22.50 -7.62 -0.45
CA ILE A 131 -23.27 -6.38 -0.44
C ILE A 131 -22.56 -5.36 -1.32
N CYS A 132 -23.30 -4.72 -2.22
CA CYS A 132 -22.81 -3.61 -3.01
C CYS A 132 -23.24 -2.32 -2.34
N SER A 133 -22.31 -1.64 -1.69
CA SER A 133 -22.60 -0.42 -0.95
C SER A 133 -22.34 0.79 -1.83
N ILE A 134 -23.33 1.66 -1.93
CA ILE A 134 -23.23 2.91 -2.69
C ILE A 134 -22.92 4.03 -1.73
N TYR A 135 -21.96 4.87 -2.09
CA TYR A 135 -21.52 5.97 -1.25
C TYR A 135 -21.80 7.30 -1.94
N ASN A 136 -22.39 8.22 -1.21
CA ASN A 136 -22.72 9.55 -1.73
C ASN A 136 -21.55 10.49 -1.44
N LEU A 137 -20.97 11.06 -2.51
CA LEU A 137 -19.83 11.94 -2.36
C LEU A 137 -20.22 13.39 -2.20
N LYS A 138 -21.32 13.81 -2.81
CA LYS A 138 -21.76 15.21 -2.78
C LYS A 138 -22.88 15.33 -1.75
N THR A 139 -22.50 15.47 -0.49
CA THR A 139 -23.44 15.65 0.60
C THR A 139 -23.22 17.01 1.24
N ARG A 140 -24.31 17.62 1.73
CA ARG A 140 -24.21 18.93 2.36
C ARG A 140 -23.47 18.89 3.68
N GLU A 141 -23.27 17.70 4.25
CA GLU A 141 -22.54 17.58 5.51
C GLU A 141 -21.04 17.54 5.32
N GLY A 142 -20.56 17.45 4.08
CA GLY A 142 -19.14 17.49 3.80
C GLY A 142 -18.41 16.17 3.91
N ASN A 143 -19.09 15.12 4.36
CA ASN A 143 -18.50 13.79 4.49
C ASN A 143 -19.09 12.88 3.42
N VAL A 144 -18.74 11.60 3.50
CA VAL A 144 -19.26 10.58 2.61
C VAL A 144 -20.05 9.58 3.44
N ARG A 145 -21.28 9.32 3.03
CA ARG A 145 -22.17 8.40 3.73
C ARG A 145 -22.62 7.30 2.77
N VAL A 146 -23.10 6.20 3.36
CA VAL A 146 -23.62 5.10 2.56
C VAL A 146 -25.03 5.47 2.12
N SER A 147 -25.21 5.74 0.82
CA SER A 147 -26.52 6.07 0.30
C SER A 147 -27.43 4.84 0.29
N ARG A 148 -26.91 3.70 -0.11
CA ARG A 148 -27.69 2.48 -0.20
C ARG A 148 -26.79 1.28 0.03
N GLU A 149 -27.39 0.19 0.50
CA GLU A 149 -26.68 -1.07 0.71
C GLU A 149 -27.47 -2.16 0.01
N LEU A 150 -27.04 -2.52 -1.19
CA LEU A 150 -27.77 -3.48 -2.01
C LEU A 150 -27.47 -4.89 -1.53
N ALA A 151 -28.53 -5.62 -1.17
CA ALA A 151 -28.42 -6.99 -0.69
C ALA A 151 -29.32 -7.90 -1.52
N GLY A 152 -28.90 -9.15 -1.66
CA GLY A 152 -29.64 -10.10 -2.47
C GLY A 152 -28.76 -11.09 -3.19
N HIS A 153 -27.45 -10.84 -3.21
CA HIS A 153 -26.49 -11.79 -3.76
C HIS A 153 -26.11 -12.80 -2.69
N THR A 154 -26.12 -14.07 -3.05
CA THR A 154 -25.75 -15.13 -2.13
C THR A 154 -24.28 -15.50 -2.21
N GLY A 155 -23.53 -14.87 -3.10
CA GLY A 155 -22.09 -15.06 -3.17
C GLY A 155 -21.38 -13.72 -3.02
N TYR A 156 -20.05 -13.79 -2.98
CA TYR A 156 -19.26 -12.57 -2.82
C TYR A 156 -19.43 -11.67 -4.03
N LEU A 157 -19.49 -10.37 -3.78
CA LEU A 157 -19.56 -9.41 -4.87
C LEU A 157 -18.20 -9.30 -5.54
N SER A 158 -18.18 -9.47 -6.86
CA SER A 158 -16.95 -9.56 -7.61
C SER A 158 -16.69 -8.36 -8.51
N CYS A 159 -17.74 -7.74 -9.04
CA CYS A 159 -17.59 -6.56 -9.88
C CYS A 159 -18.87 -5.74 -9.78
N CYS A 160 -18.76 -4.45 -10.08
CA CYS A 160 -19.91 -3.57 -10.10
C CYS A 160 -19.59 -2.40 -11.02
N ARG A 161 -20.56 -2.01 -11.84
CA ARG A 161 -20.39 -0.91 -12.78
C ARG A 161 -21.67 -0.09 -12.83
N PHE A 162 -21.53 1.22 -12.72
CA PHE A 162 -22.67 2.12 -12.76
C PHE A 162 -23.16 2.29 -14.19
N LEU A 163 -24.47 2.18 -14.39
CA LEU A 163 -25.09 2.59 -15.65
C LEU A 163 -25.42 4.06 -15.64
N ASP A 164 -26.05 4.52 -14.57
CA ASP A 164 -26.28 5.94 -14.31
C ASP A 164 -26.31 6.12 -12.80
N ASP A 165 -26.83 7.26 -12.34
CA ASP A 165 -26.86 7.52 -10.91
C ASP A 165 -27.82 6.62 -10.15
N ASN A 166 -28.70 5.90 -10.83
CA ASN A 166 -29.69 5.07 -10.17
C ASN A 166 -29.69 3.61 -10.60
N GLN A 167 -28.80 3.20 -11.50
CA GLN A 167 -28.73 1.82 -11.96
C GLN A 167 -27.30 1.34 -11.88
N ILE A 168 -27.10 0.16 -11.30
CA ILE A 168 -25.78 -0.45 -11.20
C ILE A 168 -25.93 -1.95 -11.43
N VAL A 169 -25.01 -2.52 -12.21
CA VAL A 169 -25.00 -3.95 -12.50
C VAL A 169 -23.82 -4.57 -11.78
N THR A 170 -24.09 -5.63 -11.03
CA THR A 170 -23.06 -6.30 -10.24
C THR A 170 -22.95 -7.76 -10.66
N SER A 171 -21.74 -8.30 -10.53
CA SER A 171 -21.47 -9.71 -10.75
C SER A 171 -21.05 -10.32 -9.43
N SER A 172 -21.46 -11.56 -9.19
CA SER A 172 -21.24 -12.19 -7.90
C SER A 172 -20.70 -13.60 -8.08
N GLY A 173 -20.24 -14.17 -6.98
CA GLY A 173 -19.78 -15.54 -6.94
C GLY A 173 -20.87 -16.58 -6.88
N ASP A 174 -22.13 -16.16 -6.80
CA ASP A 174 -23.27 -17.07 -6.87
C ASP A 174 -23.70 -17.35 -8.30
N THR A 175 -22.79 -17.17 -9.27
CA THR A 175 -23.00 -17.48 -10.69
C THR A 175 -24.14 -16.66 -11.29
N THR A 176 -24.41 -15.47 -10.76
CA THR A 176 -25.42 -14.59 -11.33
C THR A 176 -24.91 -13.16 -11.38
N CYS A 177 -25.47 -12.39 -12.30
CA CYS A 177 -25.28 -10.96 -12.37
C CYS A 177 -26.63 -10.28 -12.15
N ALA A 178 -26.62 -9.17 -11.43
CA ALA A 178 -27.86 -8.50 -11.06
C ALA A 178 -27.82 -7.04 -11.47
N LEU A 179 -28.89 -6.58 -12.11
CA LEU A 179 -29.08 -5.16 -12.42
C LEU A 179 -29.98 -4.56 -11.36
N TRP A 180 -29.46 -3.61 -10.61
CA TRP A 180 -30.15 -3.06 -9.44
C TRP A 180 -30.80 -1.72 -9.76
N ASP A 181 -31.80 -1.39 -8.97
CA ASP A 181 -32.40 -0.06 -8.94
C ASP A 181 -32.01 0.56 -7.61
N ILE A 182 -31.09 1.52 -7.64
CA ILE A 182 -30.48 2.00 -6.41
C ILE A 182 -31.50 2.70 -5.52
N GLU A 183 -32.46 3.39 -6.12
CA GLU A 183 -33.44 4.13 -5.33
C GLU A 183 -34.26 3.20 -4.44
N THR A 184 -34.70 2.06 -4.99
CA THR A 184 -35.50 1.12 -4.22
C THR A 184 -34.67 0.03 -3.56
N GLY A 185 -33.41 -0.14 -3.96
CA GLY A 185 -32.58 -1.18 -3.40
C GLY A 185 -33.00 -2.59 -3.76
N GLN A 186 -33.67 -2.77 -4.89
CA GLN A 186 -34.19 -4.07 -5.29
C GLN A 186 -33.62 -4.48 -6.64
N GLN A 187 -33.43 -5.78 -6.81
CA GLN A 187 -32.90 -6.33 -8.05
C GLN A 187 -33.95 -6.21 -9.14
N THR A 188 -33.70 -5.32 -10.11
CA THR A 188 -34.63 -5.18 -11.23
C THR A 188 -34.60 -6.40 -12.13
N THR A 189 -33.40 -6.86 -12.49
CA THR A 189 -33.23 -8.00 -13.37
C THR A 189 -32.10 -8.87 -12.85
N THR A 190 -32.28 -10.19 -12.96
CA THR A 190 -31.26 -11.15 -12.59
C THR A 190 -30.85 -11.94 -13.82
N PHE A 191 -29.55 -12.00 -14.08
CA PHE A 191 -28.99 -12.67 -15.25
C PHE A 191 -28.40 -13.99 -14.79
N THR A 192 -28.97 -15.09 -15.26
CA THR A 192 -28.56 -16.43 -14.87
C THR A 192 -28.17 -17.23 -16.11
N GLY A 193 -27.31 -18.23 -15.89
CA GLY A 193 -26.83 -19.04 -16.98
C GLY A 193 -25.38 -19.46 -16.83
N HIS A 194 -24.61 -18.67 -16.09
CA HIS A 194 -23.24 -19.07 -15.77
C HIS A 194 -23.24 -20.23 -14.79
N THR A 195 -22.37 -21.21 -15.02
CA THR A 195 -22.23 -22.34 -14.13
C THR A 195 -21.04 -22.21 -13.20
N GLY A 196 -20.41 -21.04 -13.14
CA GLY A 196 -19.32 -20.79 -12.23
C GLY A 196 -19.37 -19.36 -11.75
N ASP A 197 -18.51 -19.05 -10.79
CA ASP A 197 -18.48 -17.72 -10.20
C ASP A 197 -18.19 -16.68 -11.27
N VAL A 198 -18.99 -15.61 -11.30
CA VAL A 198 -18.76 -14.52 -12.23
C VAL A 198 -17.71 -13.61 -11.64
N MET A 199 -16.62 -13.39 -12.39
CA MET A 199 -15.44 -12.72 -11.86
C MET A 199 -15.28 -11.29 -12.34
N SER A 200 -15.98 -10.89 -13.41
CA SER A 200 -15.83 -9.53 -13.92
C SER A 200 -16.91 -9.27 -14.95
N LEU A 201 -17.30 -8.00 -15.09
CA LEU A 201 -18.20 -7.57 -16.14
C LEU A 201 -17.71 -6.27 -16.72
N SER A 202 -18.12 -6.00 -17.95
CA SER A 202 -17.74 -4.77 -18.64
C SER A 202 -18.95 -4.24 -19.38
N LEU A 203 -19.34 -3.00 -19.10
CA LEU A 203 -20.47 -2.38 -19.77
C LEU A 203 -20.07 -1.91 -21.16
N ALA A 204 -21.01 -2.04 -22.10
CA ALA A 204 -20.79 -1.51 -23.43
C ALA A 204 -20.78 0.01 -23.39
N PRO A 205 -20.19 0.66 -24.40
CA PRO A 205 -20.18 2.13 -24.40
C PRO A 205 -21.57 2.76 -24.31
N ASP A 206 -22.58 2.16 -24.93
CA ASP A 206 -23.95 2.68 -24.84
C ASP A 206 -24.72 2.11 -23.67
N THR A 207 -24.11 1.26 -22.86
CA THR A 207 -24.69 0.64 -21.67
C THR A 207 -25.99 -0.12 -21.97
N ARG A 208 -26.20 -0.51 -23.22
CA ARG A 208 -27.34 -1.37 -23.55
C ARG A 208 -26.99 -2.85 -23.50
N LEU A 209 -25.71 -3.18 -23.40
CA LEU A 209 -25.25 -4.55 -23.30
C LEU A 209 -24.08 -4.59 -22.33
N PHE A 210 -23.79 -5.78 -21.81
CA PHE A 210 -22.59 -5.96 -21.02
C PHE A 210 -22.18 -7.42 -21.09
N VAL A 211 -20.88 -7.67 -20.99
CA VAL A 211 -20.33 -9.01 -21.00
C VAL A 211 -19.83 -9.35 -19.60
N SER A 212 -19.82 -10.63 -19.29
CA SER A 212 -19.32 -11.12 -18.02
C SER A 212 -18.51 -12.38 -18.24
N GLY A 213 -17.40 -12.50 -17.52
CA GLY A 213 -16.55 -13.68 -17.56
C GLY A 213 -16.63 -14.43 -16.25
N ALA A 214 -16.81 -15.73 -16.34
CA ALA A 214 -17.03 -16.58 -15.18
C ALA A 214 -15.97 -17.66 -15.09
N CYS A 215 -15.97 -18.37 -13.96
CA CYS A 215 -15.03 -19.44 -13.70
C CYS A 215 -15.29 -20.66 -14.55
N ASP A 216 -16.42 -20.72 -15.26
CA ASP A 216 -16.69 -21.80 -16.19
C ASP A 216 -15.96 -21.63 -17.52
N ALA A 217 -14.97 -20.74 -17.58
CA ALA A 217 -14.17 -20.52 -18.78
C ALA A 217 -15.01 -20.06 -19.96
N SER A 218 -16.09 -19.34 -19.69
CA SER A 218 -16.97 -18.84 -20.73
C SER A 218 -17.37 -17.40 -20.41
N ALA A 219 -17.58 -16.62 -21.46
CA ALA A 219 -18.05 -15.26 -21.35
C ALA A 219 -19.44 -15.16 -21.98
N LYS A 220 -20.31 -14.39 -21.36
CA LYS A 220 -21.70 -14.26 -21.81
C LYS A 220 -22.04 -12.81 -22.05
N LEU A 221 -22.72 -12.55 -23.16
CA LEU A 221 -23.18 -11.21 -23.52
C LEU A 221 -24.64 -11.08 -23.13
N TRP A 222 -24.95 -10.12 -22.26
CA TRP A 222 -26.28 -9.96 -21.71
C TRP A 222 -26.95 -8.70 -22.24
N ASP A 223 -28.25 -8.79 -22.48
CA ASP A 223 -29.07 -7.63 -22.78
C ASP A 223 -29.58 -7.04 -21.48
N VAL A 224 -29.25 -5.78 -21.21
CA VAL A 224 -29.58 -5.17 -19.92
C VAL A 224 -31.09 -5.01 -19.78
N ARG A 225 -31.74 -4.49 -20.82
CA ARG A 225 -33.18 -4.24 -20.73
C ARG A 225 -33.98 -5.53 -20.73
N GLU A 226 -33.66 -6.44 -21.65
CA GLU A 226 -34.44 -7.67 -21.75
C GLU A 226 -34.15 -8.65 -20.63
N GLY A 227 -32.88 -8.80 -20.27
CA GLY A 227 -32.49 -9.72 -19.22
C GLY A 227 -32.11 -11.11 -19.67
N MET A 228 -31.85 -11.31 -20.97
CA MET A 228 -31.53 -12.63 -21.50
C MET A 228 -30.07 -12.67 -21.94
N CYS A 229 -29.53 -13.88 -22.00
CA CYS A 229 -28.17 -14.10 -22.49
C CYS A 229 -28.23 -14.17 -24.02
N ARG A 230 -27.71 -13.15 -24.68
CA ARG A 230 -27.75 -13.12 -26.14
C ARG A 230 -26.75 -14.09 -26.74
N GLN A 231 -25.55 -14.19 -26.17
CA GLN A 231 -24.47 -14.90 -26.81
C GLN A 231 -23.54 -15.48 -25.75
N THR A 232 -22.88 -16.57 -26.09
CA THR A 232 -21.92 -17.22 -25.20
C THR A 232 -20.65 -17.54 -25.97
N PHE A 233 -19.51 -17.14 -25.41
CA PHE A 233 -18.21 -17.31 -26.06
C PHE A 233 -17.34 -18.21 -25.20
N THR A 234 -16.74 -19.22 -25.83
CA THR A 234 -15.86 -20.15 -25.15
C THR A 234 -14.49 -20.14 -25.80
N GLY A 235 -13.58 -20.94 -25.26
CA GLY A 235 -12.24 -21.03 -25.81
C GLY A 235 -11.17 -21.05 -24.74
N HIS A 236 -11.42 -20.36 -23.63
CA HIS A 236 -10.47 -20.37 -22.52
C HIS A 236 -10.44 -21.74 -21.87
N GLU A 237 -9.30 -22.06 -21.26
CA GLU A 237 -9.12 -23.33 -20.56
C GLU A 237 -9.20 -23.20 -19.06
N SER A 238 -9.49 -22.00 -18.54
CA SER A 238 -9.54 -21.80 -17.10
C SER A 238 -10.43 -20.60 -16.83
N ASP A 239 -10.49 -20.19 -15.56
CA ASP A 239 -11.39 -19.12 -15.15
C ASP A 239 -11.03 -17.82 -15.84
N ILE A 240 -12.05 -17.05 -16.20
CA ILE A 240 -11.87 -15.72 -16.76
C ILE A 240 -11.96 -14.71 -15.63
N ASN A 241 -10.82 -14.12 -15.27
CA ASN A 241 -10.77 -13.19 -14.15
C ASN A 241 -10.98 -11.74 -14.57
N ALA A 242 -11.01 -11.45 -15.87
CA ALA A 242 -11.08 -10.07 -16.32
C ALA A 242 -11.77 -10.02 -17.68
N ILE A 243 -12.45 -8.90 -17.93
CA ILE A 243 -13.14 -8.67 -19.19
C ILE A 243 -13.18 -7.17 -19.44
N CYS A 244 -13.14 -6.79 -20.70
CA CYS A 244 -13.18 -5.39 -21.08
C CYS A 244 -13.74 -5.27 -22.49
N PHE A 245 -14.52 -4.22 -22.72
CA PHE A 245 -15.10 -3.98 -24.03
C PHE A 245 -14.12 -3.19 -24.91
N PHE A 246 -14.04 -3.59 -26.17
CA PHE A 246 -13.36 -2.79 -27.17
C PHE A 246 -14.04 -1.43 -27.27
N PRO A 247 -13.29 -0.34 -27.48
CA PRO A 247 -13.93 0.99 -27.50
C PRO A 247 -15.04 1.11 -28.53
N ASN A 248 -14.94 0.36 -29.64
CA ASN A 248 -16.00 0.36 -30.63
C ASN A 248 -17.29 -0.17 -30.04
N GLY A 249 -17.20 -1.24 -29.25
CA GLY A 249 -18.36 -1.87 -28.65
C GLY A 249 -18.81 -3.14 -29.31
N ASN A 250 -18.19 -3.54 -30.42
CA ASN A 250 -18.52 -4.77 -31.13
C ASN A 250 -17.56 -5.90 -30.83
N ALA A 251 -16.69 -5.74 -29.83
CA ALA A 251 -15.74 -6.77 -29.47
C ALA A 251 -15.37 -6.57 -28.00
N PHE A 252 -14.73 -7.59 -27.44
CA PHE A 252 -14.26 -7.51 -26.06
C PHE A 252 -13.11 -8.48 -25.88
N ALA A 253 -12.36 -8.28 -24.80
CA ALA A 253 -11.19 -9.10 -24.50
C ALA A 253 -11.33 -9.69 -23.11
N THR A 254 -10.82 -10.90 -22.94
CA THR A 254 -10.92 -11.65 -21.70
C THR A 254 -9.52 -12.07 -21.24
N GLY A 255 -9.27 -11.91 -19.95
CA GLY A 255 -8.04 -12.38 -19.33
C GLY A 255 -8.33 -13.52 -18.38
N SER A 256 -7.57 -14.60 -18.51
CA SER A 256 -7.90 -15.85 -17.85
C SER A 256 -6.69 -16.40 -17.12
N ASP A 257 -6.95 -17.35 -16.22
CA ASP A 257 -5.91 -18.03 -15.45
C ASP A 257 -4.99 -18.88 -16.31
N ASP A 258 -5.38 -19.21 -17.54
CA ASP A 258 -4.54 -20.02 -18.41
C ASP A 258 -3.44 -19.22 -19.09
N ALA A 259 -3.14 -18.03 -18.57
CA ALA A 259 -2.04 -17.20 -19.04
C ALA A 259 -2.23 -16.74 -20.48
N THR A 260 -3.47 -16.64 -20.94
CA THR A 260 -3.76 -16.13 -22.26
C THR A 260 -4.85 -15.07 -22.17
N CYS A 261 -4.78 -14.09 -23.07
CA CYS A 261 -5.85 -13.13 -23.30
C CYS A 261 -6.47 -13.45 -24.65
N ARG A 262 -7.77 -13.26 -24.77
CA ARG A 262 -8.44 -13.57 -26.02
C ARG A 262 -9.39 -12.44 -26.40
N LEU A 263 -9.45 -12.15 -27.69
CA LEU A 263 -10.33 -11.11 -28.22
C LEU A 263 -11.49 -11.79 -28.92
N PHE A 264 -12.69 -11.59 -28.38
CA PHE A 264 -13.92 -12.11 -28.97
C PHE A 264 -14.67 -10.97 -29.63
N ASP A 265 -15.30 -11.29 -30.76
CA ASP A 265 -16.15 -10.30 -31.46
C ASP A 265 -17.61 -10.73 -31.24
N LEU A 266 -18.53 -9.77 -31.24
CA LEU A 266 -19.94 -10.09 -31.02
C LEU A 266 -20.62 -10.53 -32.32
N ARG A 267 -20.37 -9.81 -33.41
CA ARG A 267 -21.11 -10.05 -34.63
C ARG A 267 -20.81 -11.42 -35.23
N ALA A 268 -19.54 -11.83 -35.26
CA ALA A 268 -19.19 -13.13 -35.80
C ALA A 268 -19.29 -14.25 -34.76
N ASP A 269 -19.49 -13.92 -33.49
CA ASP A 269 -19.79 -14.91 -32.45
C ASP A 269 -18.67 -15.94 -32.31
N GLN A 270 -17.42 -15.49 -32.31
CA GLN A 270 -16.31 -16.41 -32.15
C GLN A 270 -15.06 -15.65 -31.75
N GLU A 271 -14.00 -16.40 -31.49
CA GLU A 271 -12.70 -15.85 -31.12
C GLU A 271 -12.03 -15.19 -32.33
N LEU A 272 -11.20 -14.19 -32.06
CA LEU A 272 -10.47 -13.48 -33.10
C LEU A 272 -8.96 -13.69 -33.00
N MET A 273 -8.37 -13.44 -31.83
CA MET A 273 -6.96 -13.73 -31.63
C MET A 273 -6.69 -14.10 -30.18
N THR A 274 -5.57 -14.77 -29.97
CA THR A 274 -5.06 -15.10 -28.66
C THR A 274 -3.76 -14.34 -28.42
N TYR A 275 -3.64 -13.75 -27.24
CA TYR A 275 -2.47 -12.98 -26.84
C TYR A 275 -1.75 -13.78 -25.76
N SER A 276 -0.87 -14.67 -26.19
CA SER A 276 -0.13 -15.54 -25.28
C SER A 276 1.32 -15.61 -25.71
N HIS A 277 2.19 -15.75 -24.72
CA HIS A 277 3.61 -15.93 -24.95
C HIS A 277 4.11 -17.10 -24.10
N ASP A 278 5.13 -17.79 -24.61
CA ASP A 278 5.68 -18.93 -23.89
C ASP A 278 6.30 -18.51 -22.56
N ASN A 279 6.96 -17.35 -22.55
CA ASN A 279 7.57 -16.86 -21.32
C ASN A 279 6.53 -16.49 -20.26
N ILE A 280 5.28 -16.31 -20.64
CA ILE A 280 4.22 -15.97 -19.71
C ILE A 280 3.50 -17.25 -19.29
N ILE A 281 3.49 -17.52 -17.99
CA ILE A 281 2.85 -18.71 -17.45
C ILE A 281 1.89 -18.41 -16.30
N CYS A 282 1.68 -17.14 -15.97
CA CYS A 282 0.78 -16.75 -14.89
C CYS A 282 -0.51 -16.18 -15.47
N GLY A 283 -1.57 -16.27 -14.67
CA GLY A 283 -2.87 -15.83 -15.11
C GLY A 283 -2.95 -14.31 -15.20
N ILE A 284 -4.01 -13.86 -15.88
CA ILE A 284 -4.29 -12.45 -16.07
C ILE A 284 -5.33 -12.03 -15.05
N THR A 285 -5.06 -10.93 -14.34
CA THR A 285 -5.97 -10.44 -13.32
C THR A 285 -6.80 -9.26 -13.79
N SER A 286 -6.36 -8.55 -14.83
CA SER A 286 -7.08 -7.39 -15.31
C SER A 286 -6.70 -7.13 -16.76
N VAL A 287 -7.67 -6.67 -17.55
CA VAL A 287 -7.43 -6.24 -18.91
C VAL A 287 -8.08 -4.88 -19.10
N SER A 288 -7.57 -4.15 -20.09
CA SER A 288 -8.09 -2.83 -20.40
C SER A 288 -7.56 -2.43 -21.77
N PHE A 289 -8.43 -1.84 -22.57
CA PHE A 289 -8.05 -1.42 -23.91
C PHE A 289 -7.55 0.02 -23.89
N SER A 290 -6.85 0.39 -24.95
CA SER A 290 -6.39 1.76 -25.13
C SER A 290 -7.53 2.60 -25.68
N LYS A 291 -7.29 3.90 -25.83
CA LYS A 291 -8.36 4.80 -26.28
C LYS A 291 -8.85 4.43 -27.68
N SER A 292 -7.93 4.11 -28.58
CA SER A 292 -8.31 3.68 -29.93
C SER A 292 -8.43 2.18 -30.05
N GLY A 293 -8.13 1.42 -29.00
CA GLY A 293 -8.21 -0.02 -29.06
C GLY A 293 -7.05 -0.69 -29.76
N ARG A 294 -6.00 0.05 -30.12
CA ARG A 294 -4.83 -0.55 -30.74
C ARG A 294 -3.97 -1.30 -29.72
N LEU A 295 -4.07 -0.95 -28.45
CA LEU A 295 -3.25 -1.53 -27.40
C LEU A 295 -4.16 -2.23 -26.40
N LEU A 296 -3.83 -3.48 -26.06
CA LEU A 296 -4.52 -4.22 -25.01
C LEU A 296 -3.55 -4.37 -23.85
N LEU A 297 -3.82 -3.69 -22.75
CA LEU A 297 -3.01 -3.77 -21.56
C LEU A 297 -3.58 -4.84 -20.63
N ALA A 298 -2.72 -5.70 -20.12
CA ALA A 298 -3.13 -6.79 -19.25
C ALA A 298 -2.20 -6.90 -18.07
N GLY A 299 -2.76 -7.03 -16.87
CA GLY A 299 -1.99 -7.23 -15.66
C GLY A 299 -1.91 -8.71 -15.33
N TYR A 300 -0.75 -9.13 -14.85
CA TYR A 300 -0.46 -10.53 -14.58
C TYR A 300 -0.09 -10.71 -13.11
N ASP A 301 0.13 -11.97 -12.73
CA ASP A 301 0.61 -12.27 -11.39
C ASP A 301 2.12 -12.24 -11.27
N ASP A 302 2.84 -12.11 -12.39
CA ASP A 302 4.29 -11.99 -12.35
C ASP A 302 4.76 -10.58 -12.02
N PHE A 303 3.86 -9.77 -11.46
CA PHE A 303 4.09 -8.45 -10.89
C PHE A 303 4.15 -7.35 -11.95
N ASN A 304 4.04 -7.66 -13.25
CA ASN A 304 4.15 -6.63 -14.27
C ASN A 304 3.01 -6.76 -15.27
N CYS A 305 2.68 -5.64 -15.90
CA CYS A 305 1.61 -5.55 -16.87
C CYS A 305 2.20 -5.53 -18.28
N ASN A 306 1.70 -6.40 -19.14
CA ASN A 306 2.20 -6.52 -20.50
C ASN A 306 1.27 -5.79 -21.46
N VAL A 307 1.85 -4.99 -22.34
CA VAL A 307 1.09 -4.25 -23.35
C VAL A 307 1.12 -5.04 -24.64
N TRP A 308 -0.05 -5.25 -25.23
CA TRP A 308 -0.20 -6.09 -26.41
C TRP A 308 -0.66 -5.26 -27.59
N ASP A 309 -0.07 -5.50 -28.75
CA ASP A 309 -0.61 -5.01 -30.01
C ASP A 309 -1.90 -5.77 -30.28
N ALA A 310 -3.04 -5.12 -30.06
CA ALA A 310 -4.31 -5.83 -30.13
C ALA A 310 -4.61 -6.35 -31.53
N LEU A 311 -4.04 -5.73 -32.55
CA LEU A 311 -4.32 -6.14 -33.92
C LEU A 311 -3.33 -7.18 -34.45
N LYS A 312 -2.25 -7.47 -33.73
CA LYS A 312 -1.24 -8.39 -34.23
C LYS A 312 -0.77 -9.41 -33.21
N ALA A 313 -1.28 -9.39 -31.97
CA ALA A 313 -0.91 -10.34 -30.93
C ALA A 313 0.59 -10.37 -30.68
N ASP A 314 1.26 -9.24 -30.89
CA ASP A 314 2.68 -9.09 -30.59
C ASP A 314 2.83 -8.24 -29.35
N ARG A 315 3.63 -8.70 -28.41
CA ARG A 315 3.88 -7.92 -27.20
C ARG A 315 4.65 -6.65 -27.58
N ALA A 316 4.14 -5.51 -27.14
CA ALA A 316 4.72 -4.21 -27.50
C ALA A 316 5.52 -3.58 -26.38
N GLY A 317 5.16 -3.80 -25.13
CA GLY A 317 5.88 -3.19 -24.03
C GLY A 317 5.54 -3.88 -22.73
N VAL A 318 6.29 -3.51 -21.70
CA VAL A 318 6.11 -4.06 -20.36
C VAL A 318 6.06 -2.90 -19.37
N LEU A 319 5.13 -2.97 -18.42
CA LEU A 319 4.99 -2.00 -17.34
C LEU A 319 5.43 -2.73 -16.06
N ALA A 320 6.73 -2.72 -15.81
CA ALA A 320 7.31 -3.44 -14.68
C ALA A 320 7.69 -2.43 -13.60
N GLY A 321 6.80 -2.21 -12.65
CA GLY A 321 7.07 -1.30 -11.57
C GLY A 321 6.50 -1.70 -10.24
N HIS A 322 5.96 -2.91 -10.14
CA HIS A 322 5.29 -3.37 -8.93
C HIS A 322 6.01 -4.56 -8.33
N ASP A 323 6.06 -4.59 -7.00
CA ASP A 323 6.74 -5.66 -6.28
C ASP A 323 5.81 -6.80 -5.91
N ASN A 324 4.53 -6.71 -6.25
CA ASN A 324 3.58 -7.78 -6.00
C ASN A 324 2.65 -7.89 -7.20
N ARG A 325 1.65 -8.75 -7.08
CA ARG A 325 0.74 -9.01 -8.19
C ARG A 325 -0.01 -7.75 -8.58
N VAL A 326 -0.04 -7.47 -9.88
CA VAL A 326 -0.79 -6.33 -10.39
C VAL A 326 -2.25 -6.77 -10.51
N SER A 327 -3.11 -6.21 -9.65
CA SER A 327 -4.49 -6.66 -9.59
C SER A 327 -5.47 -5.75 -10.32
N CYS A 328 -5.13 -4.48 -10.49
CA CYS A 328 -6.05 -3.50 -11.05
C CYS A 328 -5.45 -2.89 -12.31
N LEU A 329 -6.31 -2.42 -13.19
CA LEU A 329 -5.90 -1.76 -14.41
C LEU A 329 -6.98 -0.77 -14.80
N GLY A 330 -6.60 0.23 -15.57
CA GLY A 330 -7.57 1.18 -16.06
C GLY A 330 -6.96 2.28 -16.90
N VAL A 331 -7.58 2.57 -18.03
CA VAL A 331 -7.16 3.63 -18.92
C VAL A 331 -8.16 4.77 -18.83
N THR A 332 -7.66 6.00 -18.73
CA THR A 332 -8.53 7.15 -18.65
C THR A 332 -9.41 7.26 -19.89
N ASP A 333 -10.54 7.94 -19.75
CA ASP A 333 -11.50 8.02 -20.84
C ASP A 333 -10.93 8.79 -22.03
N ASP A 334 -9.97 9.67 -21.80
CA ASP A 334 -9.31 10.40 -22.88
C ASP A 334 -8.04 9.71 -23.35
N GLY A 335 -7.69 8.56 -22.80
CA GLY A 335 -6.50 7.84 -23.20
C GLY A 335 -5.21 8.43 -22.70
N MET A 336 -5.27 9.41 -21.80
CA MET A 336 -4.07 10.12 -21.37
C MET A 336 -3.10 9.22 -20.62
N ALA A 337 -3.63 8.36 -19.74
CA ALA A 337 -2.77 7.60 -18.85
C ALA A 337 -3.42 6.26 -18.54
N VAL A 338 -2.62 5.35 -18.02
CA VAL A 338 -3.08 4.05 -17.54
C VAL A 338 -2.59 3.89 -16.10
N ALA A 339 -3.51 3.57 -15.21
CA ALA A 339 -3.19 3.32 -13.80
C ALA A 339 -3.22 1.83 -13.52
N THR A 340 -2.28 1.38 -12.70
CA THR A 340 -2.21 -0.01 -12.28
C THR A 340 -2.19 -0.07 -10.75
N GLY A 341 -3.05 -0.91 -10.19
CA GLY A 341 -3.00 -1.21 -8.77
C GLY A 341 -2.34 -2.55 -8.55
N SER A 342 -1.92 -2.80 -7.32
CA SER A 342 -1.20 -4.03 -7.04
C SER A 342 -1.31 -4.38 -5.57
N TRP A 343 -0.99 -5.65 -5.26
CA TRP A 343 -1.02 -6.16 -3.90
C TRP A 343 0.06 -5.56 -3.03
N ASP A 344 1.01 -4.83 -3.61
CA ASP A 344 2.04 -4.14 -2.84
C ASP A 344 1.56 -2.79 -2.29
N SER A 345 0.25 -2.55 -2.29
CA SER A 345 -0.39 -1.38 -1.67
C SER A 345 0.00 -0.07 -2.35
N PHE A 346 0.26 -0.11 -3.67
CA PHE A 346 0.59 1.11 -4.40
C PHE A 346 -0.15 1.12 -5.73
N LEU A 347 -0.52 2.33 -6.17
CA LEU A 347 -1.05 2.57 -7.49
C LEU A 347 -0.04 3.41 -8.26
N LYS A 348 0.09 3.15 -9.55
CA LYS A 348 1.06 3.86 -10.37
C LYS A 348 0.39 4.30 -11.67
N ILE A 349 0.54 5.58 -12.00
CA ILE A 349 0.01 6.14 -13.23
C ILE A 349 1.15 6.16 -14.26
N TRP A 350 0.89 5.58 -15.43
CA TRP A 350 1.90 5.43 -16.46
C TRP A 350 1.53 6.28 -17.67
N ASN A 351 2.53 6.68 -18.43
CA ASN A 351 2.32 7.52 -19.59
C ASN A 351 3.51 7.41 -20.51
N GLY A 352 3.26 7.58 -21.80
CA GLY A 352 4.33 7.53 -22.77
C GLY A 352 5.11 8.82 -22.83
N SER A 353 6.22 8.78 -23.56
CA SER A 353 7.09 9.93 -23.74
C SER A 353 7.33 10.15 -25.23
N SER A 354 7.36 11.42 -25.64
CA SER A 354 7.57 11.76 -27.05
C SER A 354 8.96 11.35 -27.51
N ALA B 7 -37.13 -30.25 -10.99
CA ALA B 7 -36.24 -31.29 -11.46
C ALA B 7 -35.29 -30.75 -12.54
N SER B 8 -34.39 -31.63 -13.01
CA SER B 8 -33.45 -31.23 -14.05
C SER B 8 -34.11 -31.10 -15.42
N ILE B 9 -35.36 -31.53 -15.55
CA ILE B 9 -36.06 -31.40 -16.83
C ILE B 9 -36.26 -29.93 -17.17
N ALA B 10 -36.64 -29.12 -16.18
CA ALA B 10 -36.79 -27.68 -16.41
C ALA B 10 -35.45 -27.05 -16.77
N GLN B 11 -34.38 -27.48 -16.11
CA GLN B 11 -33.06 -26.95 -16.43
C GLN B 11 -32.67 -27.30 -17.87
N ALA B 12 -32.94 -28.53 -18.30
CA ALA B 12 -32.64 -28.92 -19.67
C ALA B 12 -33.49 -28.13 -20.67
N ARG B 13 -34.76 -27.87 -20.34
CA ARG B 13 -35.60 -27.06 -21.19
C ARG B 13 -35.06 -25.64 -21.32
N LYS B 14 -34.62 -25.07 -20.19
CA LYS B 14 -34.01 -23.74 -20.25
C LYS B 14 -32.73 -23.75 -21.08
N LEU B 15 -31.92 -24.80 -20.92
CA LEU B 15 -30.67 -24.88 -21.67
C LEU B 15 -30.93 -24.96 -23.17
N VAL B 16 -31.88 -25.81 -23.58
CA VAL B 16 -32.15 -25.93 -25.01
C VAL B 16 -32.79 -24.66 -25.55
N GLU B 17 -33.62 -23.98 -24.76
CA GLU B 17 -34.16 -22.70 -25.21
C GLU B 17 -33.06 -21.67 -25.41
N GLN B 18 -32.10 -21.63 -24.47
CA GLN B 18 -30.98 -20.72 -24.60
C GLN B 18 -30.13 -21.04 -25.83
N LEU B 19 -29.89 -22.32 -26.08
CA LEU B 19 -29.11 -22.70 -27.26
C LEU B 19 -29.84 -22.34 -28.54
N LYS B 20 -31.17 -22.54 -28.59
CA LYS B 20 -31.94 -22.15 -29.75
C LYS B 20 -31.88 -20.65 -29.97
N MET B 21 -31.96 -19.88 -28.88
CA MET B 21 -31.85 -18.43 -28.99
C MET B 21 -30.48 -18.01 -29.53
N GLU B 22 -29.42 -18.67 -29.06
CA GLU B 22 -28.08 -18.31 -29.50
C GLU B 22 -27.85 -18.70 -30.96
N ALA B 23 -28.38 -19.85 -31.39
CA ALA B 23 -28.09 -20.33 -32.73
C ALA B 23 -28.76 -19.49 -33.81
N ASN B 24 -29.94 -18.93 -33.50
CA ASN B 24 -30.71 -18.21 -34.52
C ASN B 24 -30.11 -16.87 -34.89
N ILE B 25 -29.10 -16.38 -34.16
CA ILE B 25 -28.55 -15.06 -34.46
C ILE B 25 -27.85 -15.07 -35.82
N ASP B 26 -27.66 -13.88 -36.37
CA ASP B 26 -27.00 -13.70 -37.65
C ASP B 26 -25.53 -13.35 -37.42
N ARG B 27 -24.64 -14.03 -38.14
CA ARG B 27 -23.21 -13.87 -37.97
C ARG B 27 -22.59 -13.34 -39.26
N ILE B 28 -21.71 -12.36 -39.13
CA ILE B 28 -20.95 -11.85 -40.26
C ILE B 28 -19.65 -12.63 -40.37
N LYS B 29 -19.01 -12.54 -41.54
CA LYS B 29 -17.74 -13.20 -41.75
C LYS B 29 -16.66 -12.59 -40.87
N VAL B 30 -15.73 -13.44 -40.41
CA VAL B 30 -14.66 -12.98 -39.53
C VAL B 30 -13.80 -11.95 -40.26
N SER B 31 -13.67 -12.08 -41.58
CA SER B 31 -12.92 -11.10 -42.34
C SER B 31 -13.53 -9.71 -42.22
N LYS B 32 -14.87 -9.63 -42.29
CA LYS B 32 -15.53 -8.33 -42.16
C LYS B 32 -15.31 -7.74 -40.78
N ALA B 33 -15.41 -8.55 -39.73
CA ALA B 33 -15.21 -8.04 -38.37
C ALA B 33 -13.77 -7.60 -38.16
N ALA B 34 -12.82 -8.36 -38.70
CA ALA B 34 -11.41 -7.97 -38.63
C ALA B 34 -11.18 -6.65 -39.35
N ALA B 35 -11.76 -6.49 -40.53
CA ALA B 35 -11.62 -5.24 -41.26
C ALA B 35 -12.22 -4.08 -40.50
N ASP B 36 -13.37 -4.30 -39.86
CA ASP B 36 -14.00 -3.24 -39.07
C ASP B 36 -13.14 -2.86 -37.86
N LEU B 37 -12.55 -3.85 -37.18
CA LEU B 37 -11.67 -3.54 -36.07
C LEU B 37 -10.45 -2.75 -36.52
N MET B 38 -9.85 -3.17 -37.65
CA MET B 38 -8.70 -2.44 -38.18
C MET B 38 -9.09 -1.02 -38.55
N ALA B 39 -10.25 -0.84 -39.19
CA ALA B 39 -10.68 0.48 -39.59
C ALA B 39 -10.91 1.38 -38.39
N TYR B 40 -11.53 0.85 -37.34
CA TYR B 40 -11.72 1.65 -36.13
C TYR B 40 -10.38 2.02 -35.51
N CYS B 41 -9.46 1.07 -35.47
CA CYS B 41 -8.17 1.34 -34.83
C CYS B 41 -7.39 2.40 -35.59
N GLU B 42 -7.38 2.32 -36.93
CA GLU B 42 -6.62 3.29 -37.71
C GLU B 42 -7.34 4.63 -37.82
N ALA B 43 -8.67 4.65 -37.66
CA ALA B 43 -9.40 5.90 -37.74
C ALA B 43 -9.21 6.74 -36.49
N HIS B 44 -9.03 6.11 -35.34
CA HIS B 44 -8.83 6.82 -34.09
C HIS B 44 -7.37 6.87 -33.66
N ALA B 45 -6.45 6.49 -34.54
CA ALA B 45 -5.05 6.78 -34.31
C ALA B 45 -4.81 8.28 -34.42
N LYS B 46 -3.68 8.73 -33.87
CA LYS B 46 -3.30 10.13 -33.68
C LYS B 46 -4.18 10.81 -32.65
N GLU B 47 -5.21 10.13 -32.13
CA GLU B 47 -5.97 10.60 -30.98
C GLU B 47 -5.76 9.70 -29.77
N ASP B 48 -4.74 8.84 -29.82
CA ASP B 48 -4.44 7.90 -28.75
C ASP B 48 -3.18 8.34 -28.04
N PRO B 49 -3.27 8.96 -26.86
CA PRO B 49 -2.05 9.42 -26.18
C PRO B 49 -1.10 8.29 -25.82
N LEU B 50 -1.61 7.10 -25.50
CA LEU B 50 -0.73 6.00 -25.15
C LEU B 50 -0.02 5.43 -26.37
N LEU B 51 -0.74 5.29 -27.48
CA LEU B 51 -0.12 4.76 -28.70
C LEU B 51 0.85 5.77 -29.30
N THR B 52 0.43 7.02 -29.44
CA THR B 52 1.30 8.10 -29.89
C THR B 52 1.45 9.12 -28.76
N PRO B 53 2.60 9.13 -28.07
CA PRO B 53 2.75 10.04 -26.93
C PRO B 53 2.70 11.50 -27.35
N VAL B 54 2.18 12.33 -26.45
CA VAL B 54 2.02 13.76 -26.70
C VAL B 54 3.25 14.51 -26.18
N PRO B 55 3.50 15.73 -26.65
CA PRO B 55 4.59 16.52 -26.07
C PRO B 55 4.31 16.85 -24.61
N ALA B 56 5.39 17.07 -23.86
CA ALA B 56 5.28 17.30 -22.42
C ALA B 56 4.43 18.51 -22.09
N SER B 57 4.28 19.46 -23.01
CA SER B 57 3.41 20.61 -22.76
C SER B 57 1.96 20.18 -22.63
N GLU B 58 1.51 19.27 -23.49
CA GLU B 58 0.14 18.79 -23.47
C GLU B 58 -0.09 17.63 -22.51
N ASN B 59 0.96 17.10 -21.91
CA ASN B 59 0.82 15.99 -20.98
C ASN B 59 0.48 16.50 -19.59
N PRO B 60 -0.68 16.16 -19.03
CA PRO B 60 -1.02 16.62 -17.68
C PRO B 60 -0.30 15.87 -16.57
N PHE B 61 0.37 14.75 -16.89
CA PHE B 61 1.14 13.98 -15.92
C PHE B 61 2.64 14.19 -16.08
N ARG B 62 3.06 15.36 -16.57
CA ARG B 62 4.46 15.64 -16.73
C ARG B 62 5.14 15.73 -15.37
N GLU B 63 6.44 15.44 -15.34
CA GLU B 63 7.20 15.45 -14.10
C GLU B 63 7.92 16.78 -13.90
N VAL C 1 62.27 4.90 20.24
CA VAL C 1 61.26 4.58 21.25
C VAL C 1 59.79 4.54 20.75
N PRO C 2 59.33 5.51 19.94
CA PRO C 2 57.90 5.55 19.63
C PRO C 2 57.44 4.53 18.60
N ASN C 3 58.33 3.64 18.15
CA ASN C 3 57.93 2.61 17.20
C ASN C 3 56.91 1.68 17.85
N LEU C 4 55.82 1.41 17.11
CA LEU C 4 54.74 0.59 17.65
C LEU C 4 54.01 -0.06 16.49
N PRO C 5 53.48 -1.27 16.68
CA PRO C 5 52.67 -1.89 15.62
C PRO C 5 51.41 -1.10 15.37
N GLN C 6 50.89 -1.21 14.15
CA GLN C 6 49.74 -0.42 13.75
C GLN C 6 48.49 -0.84 14.53
N ARG C 7 47.53 0.07 14.56
CA ARG C 7 46.28 -0.14 15.29
C ARG C 7 45.36 -1.03 14.45
N PHE C 8 44.10 -1.09 14.91
CA PHE C 8 43.09 -1.97 14.26
C PHE C 8 43.16 -1.80 12.75
N GLY D 2 9.79 29.11 -6.43
CA GLY D 2 8.95 29.39 -5.27
C GLY D 2 8.07 28.22 -4.87
N CYS D 3 6.76 28.46 -4.81
CA CYS D 3 5.78 27.43 -4.46
C CYS D 3 4.84 27.11 -5.60
N THR D 4 4.40 28.11 -6.35
CA THR D 4 3.50 27.94 -7.51
C THR D 4 2.25 27.13 -7.15
N LEU D 5 1.75 27.35 -5.92
CA LEU D 5 0.55 26.71 -5.45
C LEU D 5 -0.46 27.79 -5.04
N SER D 6 -1.69 27.67 -5.51
CA SER D 6 -2.72 28.61 -5.12
C SER D 6 -3.17 28.32 -3.69
N ALA D 7 -3.99 29.23 -3.15
CA ALA D 7 -4.47 29.05 -1.79
C ALA D 7 -5.32 27.79 -1.66
N GLU D 8 -6.18 27.54 -2.63
CA GLU D 8 -7.02 26.34 -2.59
C GLU D 8 -6.19 25.08 -2.80
N ASP D 9 -5.17 25.15 -3.65
CA ASP D 9 -4.27 24.00 -3.82
C ASP D 9 -3.55 23.67 -2.53
N LYS D 10 -3.07 24.68 -1.83
CA LYS D 10 -2.38 24.45 -0.56
C LYS D 10 -3.35 23.89 0.48
N ALA D 11 -4.58 24.39 0.52
CA ALA D 11 -5.56 23.86 1.45
C ALA D 11 -5.90 22.41 1.14
N ALA D 12 -6.00 22.06 -0.14
CA ALA D 12 -6.24 20.68 -0.52
C ALA D 12 -5.06 19.78 -0.14
N VAL D 13 -3.85 20.29 -0.29
CA VAL D 13 -2.67 19.53 0.13
C VAL D 13 -2.70 19.29 1.63
N GLU D 14 -3.09 20.31 2.41
CA GLU D 14 -3.20 20.15 3.84
C GLU D 14 -4.27 19.11 4.21
N ARG D 15 -5.40 19.13 3.50
CA ARG D 15 -6.44 18.13 3.74
C ARG D 15 -5.92 16.73 3.43
N SER D 16 -5.17 16.58 2.35
CA SER D 16 -4.59 15.29 2.02
C SER D 16 -3.61 14.82 3.08
N LYS D 17 -2.83 15.75 3.64
CA LYS D 17 -1.92 15.39 4.72
C LYS D 17 -2.67 14.92 5.96
N MET D 18 -3.77 15.59 6.29
CA MET D 18 -4.59 15.14 7.42
C MET D 18 -5.18 13.77 7.16
N ILE D 19 -5.61 13.52 5.93
CA ILE D 19 -6.12 12.20 5.56
C ILE D 19 -5.02 11.15 5.73
N ASP D 20 -3.79 11.48 5.32
CA ASP D 20 -2.67 10.54 5.48
C ASP D 20 -2.41 10.25 6.94
N ARG D 21 -2.48 11.28 7.78
CA ARG D 21 -2.28 11.07 9.22
C ARG D 21 -3.35 10.13 9.79
N ASN D 22 -4.60 10.34 9.40
CA ASN D 22 -5.67 9.46 9.86
C ASN D 22 -5.47 8.03 9.37
N LEU D 23 -5.03 7.88 8.11
CA LEU D 23 -4.77 6.55 7.57
C LEU D 23 -3.65 5.85 8.34
N ARG D 24 -2.60 6.59 8.69
CA ARG D 24 -1.51 6.03 9.48
C ARG D 24 -2.00 5.57 10.85
N GLU D 25 -2.83 6.39 11.50
CA GLU D 25 -3.36 6.01 12.81
C GLU D 25 -4.21 4.75 12.70
N ASP D 26 -5.08 4.69 11.69
CA ASP D 26 -5.91 3.51 11.50
C ASP D 26 -5.07 2.27 11.20
N GLY D 27 -4.01 2.44 10.42
CA GLY D 27 -3.14 1.31 10.13
C GLY D 27 -2.42 0.80 11.35
N GLU D 28 -1.95 1.70 12.21
CA GLU D 28 -1.35 1.27 13.47
C GLU D 28 -2.35 0.51 14.33
N LYS D 29 -3.58 1.03 14.43
CA LYS D 29 -4.59 0.36 15.23
C LYS D 29 -4.88 -1.03 14.68
N ALA D 30 -4.99 -1.15 13.35
CA ALA D 30 -5.26 -2.46 12.76
C ALA D 30 -4.08 -3.41 12.92
N ALA D 31 -2.86 -2.90 12.86
CA ALA D 31 -1.69 -3.76 13.05
C ALA D 31 -1.62 -4.27 14.49
N ARG D 32 -2.11 -3.48 15.44
CA ARG D 32 -2.16 -3.93 16.84
C ARG D 32 -3.41 -4.79 17.07
N GLU D 33 -3.55 -5.81 16.23
CA GLU D 33 -4.73 -6.67 16.27
C GLU D 33 -4.35 -8.08 15.83
N VAL D 34 -5.17 -9.04 16.23
CA VAL D 34 -5.00 -10.44 15.87
C VAL D 34 -6.16 -10.85 15.00
N LYS D 35 -5.88 -11.34 13.80
CA LYS D 35 -6.90 -11.75 12.85
C LYS D 35 -6.84 -13.27 12.71
N LEU D 36 -7.97 -13.93 12.95
CA LEU D 36 -8.08 -15.37 12.87
C LEU D 36 -9.13 -15.75 11.84
N LEU D 37 -8.83 -16.75 11.03
CA LEU D 37 -9.76 -17.26 10.04
C LEU D 37 -10.35 -18.57 10.56
N LEU D 38 -11.67 -18.60 10.72
CA LEU D 38 -12.35 -19.76 11.27
C LEU D 38 -12.85 -20.65 10.14
N LEU D 39 -12.50 -21.93 10.21
CA LEU D 39 -12.85 -22.89 9.17
C LEU D 39 -13.42 -24.14 9.81
N GLY D 40 -13.80 -25.10 8.97
CA GLY D 40 -14.38 -26.34 9.43
C GLY D 40 -15.50 -26.83 8.53
N ALA D 41 -16.08 -27.98 8.86
CA ALA D 41 -17.20 -28.51 8.10
C ALA D 41 -18.50 -27.81 8.51
N GLY D 42 -19.61 -28.30 7.99
CA GLY D 42 -20.89 -27.71 8.29
C GLY D 42 -21.28 -27.83 9.76
N GLU D 43 -21.53 -29.05 10.22
CA GLU D 43 -21.86 -29.31 11.61
C GLU D 43 -20.62 -29.66 12.43
N SER D 44 -19.60 -28.81 12.35
CA SER D 44 -18.32 -29.06 13.00
C SER D 44 -18.21 -28.43 14.38
N GLY D 45 -19.28 -27.80 14.87
CA GLY D 45 -19.22 -27.15 16.16
C GLY D 45 -18.59 -25.77 16.14
N LYS D 46 -18.34 -25.20 14.96
CA LYS D 46 -17.75 -23.88 14.89
C LYS D 46 -18.69 -22.82 15.45
N SER D 47 -20.00 -22.99 15.29
CA SER D 47 -20.95 -22.06 15.90
C SER D 47 -20.86 -22.12 17.41
N THR D 48 -20.74 -23.33 17.98
CA THR D 48 -20.54 -23.46 19.41
C THR D 48 -19.27 -22.76 19.85
N ILE D 49 -18.19 -22.95 19.10
CA ILE D 49 -16.91 -22.33 19.44
C ILE D 49 -17.04 -20.82 19.43
N VAL D 50 -17.66 -20.27 18.39
CA VAL D 50 -17.80 -18.81 18.31
C VAL D 50 -18.73 -18.30 19.40
N LYS D 51 -19.66 -19.14 19.88
CA LYS D 51 -20.44 -18.76 21.04
C LYS D 51 -19.58 -18.70 22.30
N GLN D 52 -18.67 -19.66 22.47
CA GLN D 52 -17.81 -19.65 23.65
C GLN D 52 -16.85 -18.48 23.65
N MET D 53 -16.23 -18.18 22.50
CA MET D 53 -15.34 -17.01 22.44
C MET D 53 -16.10 -15.72 22.71
N LYS D 54 -17.29 -15.57 22.15
CA LYS D 54 -18.09 -14.38 22.37
C LYS D 54 -19.42 -14.72 23.04
N LYS D 180 -27.89 -11.55 8.55
CA LYS D 180 -28.89 -11.37 7.51
C LYS D 180 -28.44 -12.02 6.20
N THR D 181 -27.23 -11.66 5.76
CA THR D 181 -26.66 -12.19 4.53
C THR D 181 -25.65 -13.28 4.86
N THR D 182 -25.59 -14.29 3.99
CA THR D 182 -24.65 -15.39 4.15
C THR D 182 -23.30 -15.04 3.52
N GLY D 183 -22.76 -13.91 3.93
CA GLY D 183 -21.49 -13.45 3.43
C GLY D 183 -20.33 -13.84 4.31
N ILE D 184 -19.76 -12.87 5.01
CA ILE D 184 -18.71 -13.09 5.98
C ILE D 184 -19.19 -12.58 7.32
N VAL D 185 -18.84 -13.31 8.39
CA VAL D 185 -19.23 -12.95 9.74
C VAL D 185 -17.96 -12.68 10.53
N GLU D 186 -17.85 -11.47 11.08
CA GLU D 186 -16.69 -11.09 11.87
C GLU D 186 -17.14 -10.94 13.32
N THR D 187 -16.49 -11.67 14.22
CA THR D 187 -16.75 -11.58 15.65
C THR D 187 -15.51 -11.00 16.31
N HIS D 188 -15.71 -9.94 17.10
CA HIS D 188 -14.63 -9.18 17.70
C HIS D 188 -14.69 -9.35 19.20
N PHE D 189 -13.59 -9.84 19.78
CA PHE D 189 -13.53 -10.07 21.23
C PHE D 189 -12.14 -9.75 21.73
N THR D 190 -12.05 -9.50 23.03
CA THR D 190 -10.80 -9.15 23.69
C THR D 190 -10.52 -10.12 24.83
N PHE D 191 -9.26 -10.51 24.96
CA PHE D 191 -8.86 -11.42 26.03
C PHE D 191 -7.44 -11.08 26.46
N LYS D 192 -7.30 -10.65 27.72
CA LYS D 192 -5.99 -10.32 28.30
C LYS D 192 -5.26 -9.28 27.45
N ASP D 193 -5.87 -8.10 27.34
CA ASP D 193 -5.37 -6.96 26.58
C ASP D 193 -4.84 -7.34 25.20
N LEU D 194 -5.43 -8.36 24.59
CA LEU D 194 -5.13 -8.76 23.22
C LEU D 194 -6.43 -8.76 22.45
N HIS D 195 -6.42 -8.15 21.27
CA HIS D 195 -7.64 -7.87 20.53
C HIS D 195 -7.74 -8.83 19.34
N PHE D 196 -8.84 -9.56 19.26
CA PHE D 196 -9.03 -10.58 18.24
C PHE D 196 -10.20 -10.23 17.34
N LYS D 197 -10.08 -10.64 16.08
CA LYS D 197 -11.16 -10.55 15.10
C LYS D 197 -11.20 -11.88 14.35
N MET D 198 -12.16 -12.73 14.68
CA MET D 198 -12.35 -13.99 13.99
C MET D 198 -13.30 -13.81 12.81
N PHE D 199 -12.96 -14.43 11.69
CA PHE D 199 -13.72 -14.29 10.45
C PHE D 199 -14.31 -15.64 10.08
N ASP D 200 -15.57 -15.86 10.47
CA ASP D 200 -16.30 -17.04 10.05
C ASP D 200 -16.71 -16.87 8.59
N VAL D 201 -16.28 -17.80 7.74
CA VAL D 201 -16.51 -17.71 6.30
C VAL D 201 -17.28 -18.90 5.78
N GLY D 202 -17.81 -19.76 6.67
CA GLY D 202 -18.50 -20.95 6.26
C GLY D 202 -19.76 -20.70 5.45
N ALA D 203 -20.27 -19.47 5.46
CA ALA D 203 -21.47 -19.14 4.70
C ALA D 203 -21.20 -18.97 3.21
N GLN D 204 -19.93 -18.95 2.79
CA GLN D 204 -19.57 -18.76 1.40
C GLN D 204 -19.52 -20.12 0.70
N ARG D 205 -20.43 -20.33 -0.26
CA ARG D 205 -20.52 -21.59 -0.98
C ARG D 205 -19.88 -21.53 -2.37
N SER D 206 -19.18 -20.44 -2.68
CA SER D 206 -18.58 -20.27 -4.00
C SER D 206 -17.22 -20.96 -4.04
N GLU D 207 -16.48 -20.74 -5.13
CA GLU D 207 -15.15 -21.33 -5.28
C GLU D 207 -14.21 -20.78 -4.22
N ARG D 208 -13.71 -21.65 -3.36
CA ARG D 208 -12.83 -21.19 -2.29
C ARG D 208 -11.53 -20.63 -2.84
N LYS D 209 -11.04 -21.21 -3.94
CA LYS D 209 -9.76 -20.77 -4.50
C LYS D 209 -9.82 -19.36 -5.07
N LYS D 210 -11.02 -18.81 -5.28
CA LYS D 210 -11.17 -17.48 -5.83
C LYS D 210 -11.15 -16.38 -4.78
N TRP D 211 -11.28 -16.72 -3.51
CA TRP D 211 -11.25 -15.71 -2.45
C TRP D 211 -10.40 -16.10 -1.25
N ILE D 212 -9.76 -17.28 -1.26
CA ILE D 212 -8.98 -17.70 -0.11
C ILE D 212 -7.72 -16.86 0.05
N HIS D 213 -7.23 -16.25 -1.02
CA HIS D 213 -6.03 -15.43 -0.93
C HIS D 213 -6.26 -14.13 -0.16
N CYS D 214 -7.52 -13.77 0.08
CA CYS D 214 -7.80 -12.57 0.87
C CYS D 214 -7.34 -12.69 2.31
N PHE D 215 -7.05 -13.90 2.77
CA PHE D 215 -6.66 -14.16 4.15
C PHE D 215 -5.19 -14.56 4.27
N GLU D 216 -4.34 -13.97 3.43
CA GLU D 216 -2.92 -14.26 3.50
C GLU D 216 -2.32 -13.89 4.84
N GLY D 217 -2.66 -12.71 5.35
CA GLY D 217 -2.00 -12.17 6.52
C GLY D 217 -2.62 -12.51 7.85
N VAL D 218 -3.55 -13.47 7.90
CA VAL D 218 -4.16 -13.81 9.17
C VAL D 218 -3.11 -14.39 10.10
N THR D 219 -3.23 -14.08 11.38
CA THR D 219 -2.27 -14.58 12.37
C THR D 219 -2.31 -16.10 12.45
N ALA D 220 -3.50 -16.68 12.46
CA ALA D 220 -3.64 -18.12 12.54
C ALA D 220 -4.97 -18.52 11.94
N ILE D 221 -5.09 -19.81 11.61
CA ILE D 221 -6.32 -20.39 11.09
C ILE D 221 -6.87 -21.33 12.15
N ILE D 222 -8.09 -21.07 12.60
CA ILE D 222 -8.75 -21.95 13.55
C ILE D 222 -9.57 -22.96 12.76
N PHE D 223 -9.15 -24.22 12.78
CA PHE D 223 -9.84 -25.29 12.07
C PHE D 223 -10.54 -26.18 13.08
N CYS D 224 -11.86 -26.29 12.95
CA CYS D 224 -12.68 -27.07 13.85
C CYS D 224 -13.16 -28.33 13.14
N VAL D 225 -12.93 -29.48 13.76
CA VAL D 225 -13.49 -30.74 13.27
C VAL D 225 -14.30 -31.35 14.41
N ALA D 226 -15.22 -32.23 14.04
CA ALA D 226 -16.09 -32.89 15.00
C ALA D 226 -15.62 -34.33 15.19
N LEU D 227 -15.33 -34.68 16.44
CA LEU D 227 -14.92 -36.06 16.73
C LEU D 227 -16.06 -37.04 16.54
N SER D 228 -17.30 -36.57 16.64
CA SER D 228 -18.46 -37.44 16.46
C SER D 228 -18.69 -37.83 15.02
N ASP D 229 -18.01 -37.20 14.07
CA ASP D 229 -18.26 -37.43 12.65
C ASP D 229 -17.51 -38.64 12.10
N TYR D 230 -16.76 -39.35 12.93
CA TYR D 230 -16.13 -40.59 12.48
C TYR D 230 -17.15 -41.67 12.18
N ASP D 231 -18.38 -41.52 12.67
CA ASP D 231 -19.45 -42.49 12.45
C ASP D 231 -20.47 -42.01 11.44
N LEU D 232 -20.94 -40.77 11.57
CA LEU D 232 -21.96 -40.26 10.67
C LEU D 232 -21.40 -40.08 9.27
N VAL D 233 -22.20 -40.45 8.27
CA VAL D 233 -21.83 -40.31 6.88
C VAL D 233 -22.46 -39.02 6.35
N LEU D 234 -21.97 -38.56 5.20
CA LEU D 234 -22.42 -37.30 4.64
C LEU D 234 -23.86 -37.40 4.16
N ALA D 235 -24.44 -36.24 3.84
CA ALA D 235 -25.82 -36.19 3.35
C ALA D 235 -25.94 -36.92 2.03
N GLU D 236 -24.91 -36.84 1.18
CA GLU D 236 -24.91 -37.61 -0.06
C GLU D 236 -24.89 -39.11 0.21
N ASP D 237 -24.28 -39.52 1.33
CA ASP D 237 -24.23 -40.94 1.74
C ASP D 237 -23.59 -41.80 0.65
N GLU D 238 -22.58 -41.25 -0.03
CA GLU D 238 -21.88 -41.93 -1.10
C GLU D 238 -20.59 -42.59 -0.62
N GLU D 239 -20.56 -43.04 0.63
CA GLU D 239 -19.41 -43.62 1.30
C GLU D 239 -18.40 -42.55 1.74
N MET D 240 -18.62 -41.29 1.39
CA MET D 240 -17.74 -40.20 1.81
C MET D 240 -18.08 -39.85 3.25
N ASN D 241 -17.25 -40.30 4.19
CA ASN D 241 -17.48 -40.03 5.59
C ASN D 241 -17.31 -38.55 5.88
N ARG D 242 -18.06 -38.07 6.87
CA ARG D 242 -17.96 -36.67 7.28
C ARG D 242 -16.57 -36.35 7.80
N MET D 243 -16.00 -37.26 8.60
CA MET D 243 -14.64 -37.04 9.08
C MET D 243 -13.64 -37.09 7.94
N HIS D 244 -13.90 -37.92 6.93
CA HIS D 244 -13.04 -37.91 5.75
C HIS D 244 -13.14 -36.58 5.00
N GLU D 245 -14.34 -36.00 4.94
CA GLU D 245 -14.49 -34.68 4.34
C GLU D 245 -13.72 -33.63 5.13
N SER D 246 -13.77 -33.71 6.46
CA SER D 246 -12.98 -32.79 7.28
C SER D 246 -11.49 -32.98 7.02
N MET D 247 -11.04 -34.22 6.88
CA MET D 247 -9.63 -34.48 6.57
C MET D 247 -9.26 -33.89 5.21
N LYS D 248 -10.14 -34.02 4.22
CA LYS D 248 -9.87 -33.44 2.91
C LYS D 248 -9.77 -31.92 2.99
N LEU D 249 -10.68 -31.29 3.73
CA LEU D 249 -10.65 -29.85 3.88
C LEU D 249 -9.38 -29.39 4.58
N PHE D 250 -8.98 -30.11 5.64
CA PHE D 250 -7.75 -29.77 6.35
C PHE D 250 -6.54 -29.95 5.45
N ASP D 251 -6.52 -31.01 4.65
CA ASP D 251 -5.43 -31.21 3.71
C ASP D 251 -5.35 -30.07 2.71
N SER D 252 -6.50 -29.63 2.18
CA SER D 252 -6.49 -28.54 1.23
C SER D 252 -6.02 -27.23 1.86
N ILE D 253 -6.49 -26.93 3.06
CA ILE D 253 -6.16 -25.65 3.69
C ILE D 253 -4.71 -25.64 4.15
N CYS D 254 -4.26 -26.73 4.78
CA CYS D 254 -2.93 -26.75 5.39
C CYS D 254 -1.83 -26.58 4.36
N ASN D 255 -1.97 -27.24 3.21
CA ASN D 255 -0.98 -27.15 2.15
C ASN D 255 -1.34 -26.14 1.08
N ASN D 256 -2.18 -25.16 1.41
CA ASN D 256 -2.50 -24.10 0.47
C ASN D 256 -1.29 -23.21 0.25
N LYS D 257 -1.17 -22.68 -0.98
CA LYS D 257 -0.04 -21.84 -1.31
C LYS D 257 -0.04 -20.53 -0.55
N TRP D 258 -1.19 -20.09 -0.04
CA TRP D 258 -1.27 -18.83 0.68
C TRP D 258 -1.05 -18.98 2.19
N PHE D 259 -0.99 -20.21 2.70
CA PHE D 259 -0.87 -20.46 4.13
C PHE D 259 0.37 -21.28 4.44
N THR D 260 1.48 -20.98 3.77
CA THR D 260 2.71 -21.72 4.01
C THR D 260 3.25 -21.47 5.40
N ASP D 261 3.14 -20.23 5.89
CA ASP D 261 3.66 -19.87 7.19
C ASP D 261 2.57 -19.64 8.24
N THR D 262 1.30 -19.82 7.89
CA THR D 262 0.21 -19.58 8.82
C THR D 262 0.00 -20.82 9.69
N SER D 263 0.08 -20.64 11.00
CA SER D 263 -0.18 -21.74 11.92
C SER D 263 -1.66 -22.07 11.93
N ILE D 264 -1.98 -23.28 12.37
CA ILE D 264 -3.34 -23.77 12.44
C ILE D 264 -3.62 -24.19 13.87
N ILE D 265 -4.66 -23.63 14.46
CA ILE D 265 -5.10 -24.00 15.80
C ILE D 265 -6.27 -24.96 15.62
N LEU D 266 -5.98 -26.25 15.76
CA LEU D 266 -6.97 -27.29 15.50
C LEU D 266 -7.78 -27.56 16.76
N PHE D 267 -9.09 -27.37 16.68
CA PHE D 267 -10.01 -27.64 17.77
C PHE D 267 -10.75 -28.92 17.48
N LEU D 268 -10.58 -29.93 18.35
CA LEU D 268 -11.27 -31.20 18.21
C LEU D 268 -12.53 -31.14 19.07
N ASN D 269 -13.68 -31.03 18.42
CA ASN D 269 -14.93 -30.71 19.09
C ASN D 269 -15.68 -31.96 19.54
N LYS D 270 -16.65 -31.75 20.42
CA LYS D 270 -17.60 -32.78 20.84
C LYS D 270 -16.90 -34.02 21.37
N LYS D 271 -15.90 -33.80 22.23
CA LYS D 271 -15.19 -34.94 22.81
C LYS D 271 -16.09 -35.77 23.72
N ASP D 272 -17.06 -35.15 24.38
CA ASP D 272 -17.88 -35.87 25.35
C ASP D 272 -18.81 -36.88 24.68
N LEU D 273 -19.55 -36.44 23.67
CA LEU D 273 -20.44 -37.37 23.00
C LEU D 273 -19.68 -38.32 22.09
N PHE D 274 -18.49 -37.94 21.63
CA PHE D 274 -17.60 -38.89 20.99
C PHE D 274 -17.19 -39.99 21.96
N GLU D 275 -16.87 -39.62 23.20
CA GLU D 275 -16.58 -40.61 24.23
C GLU D 275 -17.77 -41.52 24.46
N GLU D 276 -18.98 -40.94 24.50
CA GLU D 276 -20.17 -41.74 24.68
C GLU D 276 -20.37 -42.73 23.54
N LYS D 277 -20.13 -42.28 22.30
CA LYS D 277 -20.34 -43.14 21.13
C LYS D 277 -19.20 -44.13 20.90
N ILE D 278 -18.03 -43.92 21.50
CA ILE D 278 -16.90 -44.78 21.22
C ILE D 278 -17.09 -46.19 21.77
N LYS D 279 -18.03 -46.39 22.68
CA LYS D 279 -18.26 -47.73 23.22
C LYS D 279 -18.98 -48.64 22.25
N LYS D 280 -19.76 -48.09 21.33
CA LYS D 280 -20.58 -48.90 20.43
C LYS D 280 -19.87 -49.20 19.11
N SER D 281 -19.52 -48.16 18.36
CA SER D 281 -18.90 -48.34 17.05
C SER D 281 -17.45 -47.89 17.11
N PRO D 282 -16.49 -48.76 16.81
CA PRO D 282 -15.08 -48.34 16.86
C PRO D 282 -14.66 -47.56 15.63
N LEU D 283 -13.38 -47.25 15.52
CA LEU D 283 -12.84 -46.47 14.40
C LEU D 283 -12.65 -47.30 13.15
N THR D 284 -12.87 -48.61 13.19
CA THR D 284 -12.64 -49.44 12.02
C THR D 284 -13.53 -49.03 10.84
N ILE D 285 -14.69 -48.44 11.13
CA ILE D 285 -15.60 -48.03 10.07
C ILE D 285 -14.98 -46.93 9.21
N CYS D 286 -14.32 -45.95 9.84
CA CYS D 286 -13.71 -44.85 9.12
C CYS D 286 -12.23 -45.07 8.82
N TYR D 287 -11.50 -45.70 9.74
CA TYR D 287 -10.10 -46.08 9.51
C TYR D 287 -10.01 -47.59 9.44
N PRO D 288 -9.97 -48.17 8.24
CA PRO D 288 -9.69 -49.61 8.14
C PRO D 288 -8.32 -49.99 8.67
N GLU D 289 -7.38 -49.05 8.70
CA GLU D 289 -6.02 -49.33 9.11
C GLU D 289 -5.83 -49.22 10.62
N TYR D 290 -6.86 -48.79 11.36
CA TYR D 290 -6.73 -48.65 12.81
C TYR D 290 -6.45 -50.00 13.45
N ALA D 291 -5.46 -50.02 14.34
CA ALA D 291 -5.03 -51.23 15.04
C ALA D 291 -4.85 -50.94 16.53
N GLY D 292 -5.83 -50.26 17.11
CA GLY D 292 -5.78 -49.94 18.51
C GLY D 292 -7.12 -50.19 19.18
N SER D 293 -7.09 -50.20 20.51
CA SER D 293 -8.30 -50.45 21.28
C SER D 293 -9.27 -49.29 21.10
N ASN D 294 -10.57 -49.60 21.26
CA ASN D 294 -11.63 -48.63 21.02
C ASN D 294 -11.88 -47.74 22.23
N THR D 295 -10.92 -47.62 23.14
CA THR D 295 -11.05 -46.69 24.25
C THR D 295 -10.90 -45.25 23.75
N TYR D 296 -11.35 -44.30 24.58
CA TYR D 296 -11.47 -42.92 24.15
C TYR D 296 -10.11 -42.28 23.87
N GLU D 297 -9.18 -42.35 24.81
CA GLU D 297 -7.95 -41.57 24.70
C GLU D 297 -7.08 -42.06 23.55
N GLU D 298 -6.96 -43.38 23.40
CA GLU D 298 -6.17 -43.91 22.30
C GLU D 298 -6.73 -43.50 20.95
N ALA D 299 -8.05 -43.59 20.80
CA ALA D 299 -8.67 -43.21 19.54
C ALA D 299 -8.53 -41.72 19.27
N ALA D 300 -8.69 -40.89 20.31
CA ALA D 300 -8.53 -39.45 20.15
C ALA D 300 -7.11 -39.12 19.71
N ALA D 301 -6.12 -39.73 20.36
CA ALA D 301 -4.73 -39.50 19.97
C ALA D 301 -4.47 -39.99 18.55
N TYR D 302 -5.08 -41.11 18.17
CA TYR D 302 -4.91 -41.64 16.82
C TYR D 302 -5.42 -40.64 15.78
N ILE D 303 -6.66 -40.17 15.94
CA ILE D 303 -7.23 -39.28 14.94
C ILE D 303 -6.53 -37.92 14.97
N GLN D 304 -6.08 -37.47 16.14
CA GLN D 304 -5.29 -36.24 16.21
C GLN D 304 -3.98 -36.39 15.44
N CYS D 305 -3.31 -37.53 15.59
CA CYS D 305 -2.07 -37.76 14.85
C CYS D 305 -2.34 -37.83 13.35
N GLN D 306 -3.45 -38.44 12.96
CA GLN D 306 -3.79 -38.48 11.53
C GLN D 306 -4.03 -37.09 10.98
N PHE D 307 -4.73 -36.24 11.73
CA PHE D 307 -4.95 -34.87 11.26
C PHE D 307 -3.64 -34.10 11.20
N GLU D 308 -2.78 -34.28 12.20
CA GLU D 308 -1.49 -33.59 12.20
C GLU D 308 -0.57 -34.12 11.11
N ASP D 309 -0.72 -35.39 10.73
CA ASP D 309 0.16 -35.98 9.73
C ASP D 309 -0.14 -35.47 8.32
N LEU D 310 -1.29 -34.84 8.10
CA LEU D 310 -1.58 -34.27 6.81
C LEU D 310 -0.75 -33.03 6.51
N ASN D 311 -0.05 -32.50 7.51
CA ASN D 311 0.79 -31.33 7.35
C ASN D 311 2.08 -31.71 6.64
N LYS D 312 2.26 -31.23 5.41
CA LYS D 312 3.49 -31.45 4.66
C LYS D 312 4.51 -30.36 4.87
N ARG D 313 4.24 -29.42 5.77
CA ARG D 313 5.11 -28.29 6.08
C ARG D 313 5.38 -28.21 7.57
N LYS D 314 5.79 -29.35 8.15
CA LYS D 314 5.96 -29.44 9.59
C LYS D 314 7.00 -28.47 10.14
N ASP D 315 7.88 -27.94 9.28
CA ASP D 315 8.90 -27.00 9.70
C ASP D 315 8.39 -25.57 9.72
N THR D 316 7.68 -25.16 8.66
CA THR D 316 7.28 -23.76 8.54
C THR D 316 6.10 -23.42 9.44
N LYS D 317 5.18 -24.37 9.65
CA LYS D 317 3.98 -24.11 10.43
C LYS D 317 3.82 -25.16 11.52
N GLU D 318 3.13 -24.78 12.59
CA GLU D 318 2.87 -25.65 13.72
C GLU D 318 1.37 -25.78 13.93
N ILE D 319 0.93 -26.99 14.27
CA ILE D 319 -0.47 -27.26 14.53
C ILE D 319 -0.67 -27.34 16.04
N TYR D 320 -1.48 -26.43 16.58
CA TYR D 320 -1.81 -26.41 18.00
C TYR D 320 -3.15 -27.11 18.18
N THR D 321 -3.11 -28.38 18.56
CA THR D 321 -4.30 -29.19 18.69
C THR D 321 -4.79 -29.16 20.14
N HIS D 322 -6.09 -28.93 20.31
CA HIS D 322 -6.70 -28.83 21.63
C HIS D 322 -8.06 -29.51 21.60
N PHE D 323 -8.40 -30.18 22.70
CA PHE D 323 -9.72 -30.80 22.85
C PHE D 323 -10.60 -29.81 23.61
N THR D 324 -11.64 -29.32 22.95
CA THR D 324 -12.45 -28.25 23.53
C THR D 324 -13.20 -28.73 24.75
N CYS D 325 -13.21 -27.89 25.78
CA CYS D 325 -13.89 -28.18 27.04
C CYS D 325 -15.19 -27.40 27.13
N SER D 326 -16.04 -27.81 28.08
CA SER D 326 -17.30 -27.11 28.29
C SER D 326 -17.08 -25.68 28.74
N THR D 327 -16.12 -25.47 29.64
CA THR D 327 -15.80 -24.11 30.09
C THR D 327 -15.10 -23.34 28.97
N ASP D 328 -15.59 -22.13 28.71
CA ASP D 328 -15.01 -21.32 27.65
C ASP D 328 -13.58 -20.94 27.97
N THR D 329 -13.31 -20.59 29.24
CA THR D 329 -12.03 -19.99 29.62
C THR D 329 -10.85 -20.84 29.17
N LYS D 330 -10.99 -22.16 29.22
CA LYS D 330 -9.87 -23.02 28.85
C LYS D 330 -9.48 -22.85 27.39
N ASN D 331 -10.46 -22.91 26.47
CA ASN D 331 -10.11 -22.82 25.06
C ASN D 331 -9.83 -21.39 24.62
N VAL D 332 -10.43 -20.38 25.26
CA VAL D 332 -10.01 -19.01 24.96
C VAL D 332 -8.56 -18.80 25.41
N GLN D 333 -8.19 -19.36 26.57
CA GLN D 333 -6.81 -19.29 27.00
C GLN D 333 -5.90 -20.02 26.03
N PHE D 334 -6.35 -21.17 25.51
CA PHE D 334 -5.53 -21.92 24.57
C PHE D 334 -5.28 -21.12 23.30
N VAL D 335 -6.33 -20.51 22.74
CA VAL D 335 -6.13 -19.74 21.52
C VAL D 335 -5.28 -18.50 21.79
N PHE D 336 -5.43 -17.90 22.97
CA PHE D 336 -4.57 -16.77 23.34
C PHE D 336 -3.11 -17.19 23.37
N ASP D 337 -2.82 -18.33 24.01
CA ASP D 337 -1.45 -18.81 24.09
C ASP D 337 -0.91 -19.14 22.71
N ALA D 338 -1.73 -19.76 21.86
CA ALA D 338 -1.27 -20.13 20.52
C ALA D 338 -0.94 -18.90 19.70
N VAL D 339 -1.81 -17.88 19.72
CA VAL D 339 -1.52 -16.68 18.94
C VAL D 339 -0.34 -15.91 19.54
N THR D 340 -0.17 -15.93 20.86
CA THR D 340 1.02 -15.32 21.44
C THR D 340 2.29 -16.00 20.96
N ASP D 341 2.28 -17.34 20.95
CA ASP D 341 3.45 -18.07 20.47
C ASP D 341 3.72 -17.79 19.00
N VAL D 342 2.67 -17.75 18.17
CA VAL D 342 2.92 -17.52 16.75
C VAL D 342 3.35 -16.08 16.51
N ILE D 343 2.88 -15.13 17.32
CA ILE D 343 3.34 -13.75 17.20
C ILE D 343 4.83 -13.67 17.54
N ILE D 344 5.25 -14.34 18.61
CA ILE D 344 6.66 -14.36 18.98
C ILE D 344 7.49 -15.00 17.86
N LYS D 345 6.98 -16.10 17.29
CA LYS D 345 7.70 -16.77 16.21
C LYS D 345 7.81 -15.88 14.98
N ASN D 346 6.75 -15.17 14.64
CA ASN D 346 6.81 -14.25 13.50
C ASN D 346 7.80 -13.13 13.75
N ASN D 347 7.83 -12.59 14.97
CA ASN D 347 8.81 -11.57 15.30
C ASN D 347 10.23 -12.11 15.20
N LEU D 348 10.43 -13.35 15.66
CA LEU D 348 11.75 -13.98 15.51
C LEU D 348 12.12 -14.13 14.05
N LYS D 349 11.17 -14.54 13.21
CA LYS D 349 11.44 -14.68 11.77
C LYS D 349 11.80 -13.34 11.15
N ASP D 350 11.13 -12.26 11.55
CA ASP D 350 11.48 -10.93 11.07
C ASP D 350 12.79 -10.42 11.66
N CYS D 351 13.26 -11.04 12.75
CA CYS D 351 14.47 -10.62 13.44
C CYS D 351 15.70 -11.42 13.01
N GLY D 352 15.56 -12.30 12.03
CA GLY D 352 16.69 -13.10 11.59
C GLY D 352 16.82 -14.40 12.36
N LEU D 353 16.41 -14.41 13.63
CA LEU D 353 16.44 -15.64 14.40
C LEU D 353 15.39 -16.62 13.88
N PHE D 354 15.50 -17.87 14.33
CA PHE D 354 14.61 -18.95 13.89
C PHE D 354 14.68 -19.15 12.38
N LEU E 30 72.74 3.06 15.25
CA LEU E 30 73.35 2.13 14.32
C LEU E 30 72.67 0.77 14.38
N THR E 31 71.91 0.42 13.34
CA THR E 31 71.24 -0.86 13.28
C THR E 31 71.18 -1.33 11.83
N PHE E 32 71.41 -2.62 11.62
CA PHE E 32 71.33 -3.26 10.31
C PHE E 32 70.42 -4.48 10.44
N SER E 33 69.12 -4.26 10.33
CA SER E 33 68.13 -5.33 10.44
C SER E 33 67.94 -5.98 9.07
N SER E 34 66.88 -6.76 8.93
CA SER E 34 66.51 -7.37 7.66
C SER E 34 65.03 -7.09 7.40
N TYR E 35 64.67 -6.97 6.12
CA TYR E 35 63.29 -6.68 5.76
C TYR E 35 62.35 -7.79 6.20
N TYR E 36 62.70 -9.04 5.89
CA TYR E 36 61.89 -10.17 6.31
C TYR E 36 62.04 -10.38 7.81
N GLN E 37 60.92 -10.43 8.52
CA GLN E 37 60.95 -10.47 9.98
C GLN E 37 60.78 -11.90 10.48
N HIS E 38 59.70 -12.56 10.08
CA HIS E 38 59.44 -13.92 10.56
C HIS E 38 60.25 -14.94 9.76
N THR E 39 60.61 -16.03 10.42
CA THR E 39 61.26 -17.14 9.75
C THR E 39 60.24 -17.86 8.86
N SER E 40 60.77 -18.65 7.92
CA SER E 40 59.98 -19.22 6.83
C SER E 40 58.77 -20.03 7.31
N PRO E 41 58.89 -20.96 8.26
CA PRO E 41 57.71 -21.73 8.66
C PRO E 41 56.60 -20.89 9.28
N VAL E 42 56.93 -20.08 10.28
CA VAL E 42 55.90 -19.28 10.95
C VAL E 42 55.35 -18.22 10.00
N ALA E 43 56.20 -17.66 9.12
CA ALA E 43 55.74 -16.71 8.14
C ALA E 43 54.73 -17.34 7.19
N ALA E 44 55.06 -18.54 6.70
CA ALA E 44 54.13 -19.25 5.82
C ALA E 44 52.83 -19.58 6.53
N MET E 45 52.91 -19.94 7.82
CA MET E 45 51.69 -20.17 8.60
C MET E 45 50.83 -18.91 8.63
N PHE E 46 51.46 -17.75 8.86
CA PHE E 46 50.71 -16.49 8.90
C PHE E 46 50.07 -16.19 7.55
N ILE E 47 50.81 -16.36 6.46
CA ILE E 47 50.23 -16.08 5.13
C ILE E 47 49.07 -17.02 4.86
N VAL E 48 49.21 -18.29 5.21
CA VAL E 48 48.13 -19.25 4.97
C VAL E 48 46.90 -18.87 5.78
N ALA E 49 47.08 -18.53 7.06
CA ALA E 49 45.95 -18.18 7.92
C ALA E 49 45.23 -16.95 7.40
N TYR E 50 46.00 -15.92 7.03
CA TYR E 50 45.39 -14.73 6.46
C TYR E 50 44.72 -15.04 5.12
N ALA E 51 45.22 -16.05 4.40
CA ALA E 51 44.56 -16.47 3.17
C ALA E 51 43.19 -17.09 3.46
N LEU E 52 43.09 -17.93 4.49
CA LEU E 52 41.77 -18.45 4.84
C LEU E 52 40.83 -17.33 5.27
N ILE E 53 41.33 -16.38 6.06
CA ILE E 53 40.49 -15.24 6.43
C ILE E 53 40.03 -14.50 5.18
N PHE E 54 40.95 -14.27 4.24
CA PHE E 54 40.64 -13.58 3.00
C PHE E 54 39.52 -14.28 2.25
N LEU E 55 39.69 -15.59 1.99
CA LEU E 55 38.73 -16.31 1.17
C LEU E 55 37.38 -16.40 1.86
N LEU E 56 37.36 -16.67 3.17
CA LEU E 56 36.10 -16.70 3.90
C LEU E 56 35.37 -15.37 3.78
N CYS E 57 36.08 -14.27 4.05
CA CYS E 57 35.43 -12.96 4.04
C CYS E 57 34.87 -12.64 2.65
N MET E 58 35.71 -12.75 1.61
CA MET E 58 35.23 -12.40 0.28
C MET E 58 34.07 -13.29 -0.16
N VAL E 59 34.20 -14.60 -0.01
CA VAL E 59 33.15 -15.49 -0.48
C VAL E 59 31.85 -15.21 0.25
N GLY E 60 31.88 -15.16 1.59
CA GLY E 60 30.67 -14.96 2.34
C GLY E 60 30.02 -13.61 2.07
N ASN E 61 30.82 -12.55 2.05
CA ASN E 61 30.25 -11.22 1.88
C ASN E 61 29.73 -11.00 0.46
N THR E 62 30.42 -11.53 -0.56
CA THR E 62 29.88 -11.43 -1.91
C THR E 62 28.58 -12.20 -2.03
N LEU E 63 28.52 -13.40 -1.42
CA LEU E 63 27.27 -14.15 -1.45
C LEU E 63 26.14 -13.39 -0.77
N VAL E 64 26.43 -12.77 0.37
CA VAL E 64 25.40 -12.01 1.08
C VAL E 64 24.95 -10.82 0.25
N CYS E 65 25.88 -10.08 -0.33
CA CYS E 65 25.52 -8.92 -1.14
C CYS E 65 24.68 -9.33 -2.34
N PHE E 66 25.06 -10.41 -3.01
CA PHE E 66 24.26 -10.87 -4.14
C PHE E 66 22.87 -11.30 -3.69
N ILE E 67 22.78 -12.02 -2.57
CA ILE E 67 21.50 -12.58 -2.15
C ILE E 67 20.55 -11.46 -1.75
N VAL E 68 21.05 -10.39 -1.15
CA VAL E 68 20.16 -9.28 -0.80
C VAL E 68 19.81 -8.46 -2.04
N LEU E 69 20.79 -8.24 -2.93
CA LEU E 69 20.54 -7.40 -4.11
C LEU E 69 19.55 -8.05 -5.06
N LYS E 70 19.62 -9.37 -5.22
CA LYS E 70 18.86 -10.05 -6.27
C LYS E 70 17.34 -10.00 -6.02
N ASN E 71 16.90 -9.68 -4.81
CA ASN E 71 15.48 -9.53 -4.51
C ASN E 71 15.18 -8.07 -4.16
N ARG E 72 14.25 -7.47 -4.89
CA ARG E 72 13.73 -6.15 -4.54
C ARG E 72 12.74 -6.23 -3.39
N HIS E 73 11.92 -7.28 -3.36
CA HIS E 73 10.91 -7.39 -2.31
C HIS E 73 11.55 -7.61 -0.93
N MET E 74 12.60 -8.41 -0.88
CA MET E 74 13.28 -8.67 0.39
C MET E 74 14.39 -7.63 0.62
N HIS E 75 13.96 -6.37 0.62
CA HIS E 75 14.79 -5.21 0.90
C HIS E 75 14.42 -4.58 2.23
N THR E 76 14.11 -5.42 3.22
CA THR E 76 13.70 -4.94 4.53
C THR E 76 14.86 -4.16 5.18
N VAL E 77 14.51 -3.32 6.15
CA VAL E 77 15.51 -2.49 6.81
C VAL E 77 16.56 -3.36 7.50
N THR E 78 16.12 -4.43 8.16
CA THR E 78 17.07 -5.36 8.75
C THR E 78 18.00 -5.95 7.70
N ASN E 79 17.48 -6.16 6.49
CA ASN E 79 18.31 -6.64 5.40
C ASN E 79 19.34 -5.60 4.99
N MET E 80 18.95 -4.33 4.96
CA MET E 80 19.90 -3.26 4.65
C MET E 80 21.00 -3.19 5.70
N PHE E 81 20.67 -3.52 6.95
CA PHE E 81 21.71 -3.62 7.98
C PHE E 81 22.71 -4.69 7.63
N ILE E 82 22.24 -5.83 7.13
CA ILE E 82 23.15 -6.89 6.67
C ILE E 82 23.97 -6.40 5.48
N LEU E 83 23.36 -5.60 4.61
CA LEU E 83 24.11 -5.01 3.50
C LEU E 83 25.24 -4.13 4.01
N ASN E 84 24.95 -3.27 4.99
CA ASN E 84 25.99 -2.40 5.54
C ASN E 84 27.07 -3.21 6.23
N LEU E 85 26.67 -4.24 6.96
CA LEU E 85 27.64 -5.12 7.62
C LEU E 85 28.54 -5.81 6.60
N ALA E 86 27.95 -6.29 5.50
CA ALA E 86 28.74 -6.93 4.46
C ALA E 86 29.69 -5.94 3.81
N VAL E 87 29.24 -4.70 3.60
CA VAL E 87 30.10 -3.67 3.04
C VAL E 87 31.27 -3.40 3.97
N SER E 88 30.99 -3.27 5.26
CA SER E 88 32.06 -3.02 6.23
C SER E 88 33.04 -4.17 6.26
N ASP E 89 32.55 -5.41 6.19
CA ASP E 89 33.45 -6.55 6.18
C ASP E 89 34.28 -6.60 4.90
N LEU E 90 33.71 -6.19 3.77
CA LEU E 90 34.49 -6.13 2.54
C LEU E 90 35.59 -5.08 2.64
N LEU E 91 35.29 -3.91 3.23
CA LEU E 91 36.32 -2.91 3.43
C LEU E 91 37.39 -3.41 4.40
N VAL E 92 37.00 -4.15 5.43
CA VAL E 92 37.98 -4.75 6.33
C VAL E 92 38.86 -5.72 5.55
N GLY E 93 38.24 -6.54 4.70
CA GLY E 93 39.01 -7.52 3.95
C GLY E 93 40.00 -6.89 2.98
N ILE E 94 39.56 -5.86 2.27
CA ILE E 94 40.45 -5.18 1.32
C ILE E 94 41.53 -4.40 2.05
N PHE E 95 41.19 -3.80 3.19
CA PHE E 95 42.03 -2.81 3.84
C PHE E 95 42.88 -3.39 4.98
N CYS E 96 42.23 -3.94 5.99
CA CYS E 96 42.88 -4.25 7.26
C CYS E 96 43.99 -5.30 7.14
N MET E 97 43.65 -6.54 6.81
CA MET E 97 44.65 -7.60 6.91
C MET E 97 45.84 -7.45 5.95
N PRO E 98 45.70 -6.97 4.71
CA PRO E 98 46.90 -6.77 3.89
C PRO E 98 47.92 -5.85 4.54
N THR E 99 47.48 -4.62 4.86
CA THR E 99 48.40 -3.63 5.41
C THR E 99 48.91 -4.06 6.78
N THR E 100 48.03 -4.53 7.65
CA THR E 100 48.45 -4.96 8.98
C THR E 100 49.40 -6.14 8.91
N LEU E 101 49.13 -7.09 8.02
CA LEU E 101 49.99 -8.26 7.87
C LEU E 101 51.37 -7.87 7.36
N VAL E 102 51.44 -6.98 6.37
CA VAL E 102 52.74 -6.57 5.85
C VAL E 102 53.45 -5.61 6.79
N ASP E 103 52.72 -5.00 7.75
CA ASP E 103 53.38 -4.14 8.71
C ASP E 103 54.34 -4.91 9.62
N ASN E 104 54.12 -6.21 9.78
CA ASN E 104 54.90 -6.99 10.73
C ASN E 104 55.33 -8.36 10.23
N LEU E 105 55.02 -8.73 8.99
CA LEU E 105 55.37 -10.05 8.49
C LEU E 105 56.69 -10.02 7.71
N ILE E 106 56.77 -9.23 6.65
CA ILE E 106 57.92 -9.24 5.75
C ILE E 106 58.46 -7.85 5.45
N THR E 107 57.78 -6.79 5.87
CA THR E 107 58.25 -5.44 5.56
C THR E 107 58.69 -4.67 6.80
N GLY E 108 57.80 -4.48 7.77
CA GLY E 108 58.16 -3.74 8.96
C GLY E 108 58.15 -2.24 8.83
N TRP E 109 57.58 -1.68 7.75
CA TRP E 109 57.51 -0.24 7.60
C TRP E 109 56.44 0.15 6.58
N PRO E 110 55.53 1.06 6.92
CA PRO E 110 54.63 1.61 5.90
C PRO E 110 55.41 2.53 4.95
N PHE E 111 55.09 2.43 3.67
CA PHE E 111 55.77 3.24 2.67
C PHE E 111 55.09 4.59 2.50
N ASP E 112 55.79 5.52 1.86
CA ASP E 112 55.29 6.86 1.58
C ASP E 112 54.94 7.61 2.86
N ASN E 113 54.31 8.77 2.73
CA ASN E 113 53.83 9.53 3.88
C ASN E 113 52.32 9.56 3.99
N ALA E 114 51.62 9.80 2.89
CA ALA E 114 50.16 9.77 2.90
C ALA E 114 49.62 8.35 2.91
N THR E 115 50.41 7.36 2.51
CA THR E 115 49.95 5.98 2.52
C THR E 115 49.64 5.49 3.93
N CYS E 116 50.52 5.79 4.88
CA CYS E 116 50.27 5.41 6.26
C CYS E 116 49.00 6.06 6.79
N LYS E 117 48.84 7.36 6.53
CA LYS E 117 47.65 8.08 6.98
C LYS E 117 46.39 7.46 6.40
N MET E 118 46.38 7.21 5.09
CA MET E 118 45.18 6.68 4.45
C MET E 118 44.89 5.26 4.91
N SER E 119 45.93 4.45 5.11
CA SER E 119 45.72 3.08 5.55
C SER E 119 45.13 3.05 6.95
N GLY E 120 45.70 3.82 7.88
CA GLY E 120 45.12 3.91 9.20
C GLY E 120 43.70 4.42 9.16
N LEU E 121 43.45 5.45 8.35
CA LEU E 121 42.10 6.00 8.21
C LEU E 121 41.12 4.93 7.77
N VAL E 122 41.43 4.22 6.70
CA VAL E 122 40.46 3.30 6.12
C VAL E 122 40.27 2.08 7.02
N GLN E 123 41.34 1.55 7.61
CA GLN E 123 41.19 0.37 8.45
C GLN E 123 40.42 0.71 9.73
N GLY E 124 40.70 1.85 10.35
CA GLY E 124 39.92 2.25 11.50
C GLY E 124 38.47 2.53 11.15
N MET E 125 38.25 3.20 10.00
CA MET E 125 36.90 3.40 9.49
C MET E 125 36.15 2.10 9.40
N SER E 126 36.76 1.09 8.79
CA SER E 126 36.10 -0.19 8.59
C SER E 126 35.84 -0.90 9.91
N VAL E 127 36.80 -0.88 10.83
CA VAL E 127 36.62 -1.57 12.10
C VAL E 127 35.48 -0.92 12.91
N SER E 128 35.49 0.42 13.00
CA SER E 128 34.41 1.09 13.70
C SER E 128 33.08 0.87 13.02
N ALA E 129 33.06 0.85 11.68
CA ALA E 129 31.82 0.60 10.96
C ALA E 129 31.28 -0.79 11.26
N SER E 130 32.16 -1.80 11.30
CA SER E 130 31.72 -3.15 11.62
C SER E 130 31.16 -3.23 13.04
N VAL E 131 31.86 -2.64 14.01
CA VAL E 131 31.39 -2.73 15.38
C VAL E 131 30.06 -1.99 15.55
N PHE E 132 29.96 -0.79 14.97
CA PHE E 132 28.73 -0.03 15.08
C PHE E 132 27.59 -0.66 14.31
N THR E 133 27.86 -1.35 13.20
CA THR E 133 26.79 -2.05 12.51
C THR E 133 26.37 -3.31 13.26
N LEU E 134 27.29 -3.93 14.03
CA LEU E 134 26.88 -4.95 14.98
C LEU E 134 25.92 -4.38 16.00
N VAL E 135 26.24 -3.21 16.54
CA VAL E 135 25.37 -2.56 17.52
C VAL E 135 24.02 -2.22 16.88
N ALA E 136 24.04 -1.70 15.66
CA ALA E 136 22.81 -1.32 14.98
C ALA E 136 21.95 -2.54 14.68
N ILE E 137 22.58 -3.64 14.25
CA ILE E 137 21.83 -4.87 14.00
C ILE E 137 21.19 -5.37 15.29
N ALA E 138 21.93 -5.34 16.40
CA ALA E 138 21.35 -5.74 17.67
C ALA E 138 20.19 -4.83 18.05
N VAL E 139 20.34 -3.52 17.82
CA VAL E 139 19.28 -2.57 18.19
C VAL E 139 18.03 -2.81 17.35
N GLU E 140 18.21 -3.04 16.05
CA GLU E 140 17.08 -3.33 15.18
C GLU E 140 16.41 -4.64 15.59
N ARG E 141 17.21 -5.64 15.96
CA ARG E 141 16.67 -6.88 16.49
C ARG E 141 15.87 -6.62 17.76
N PHE E 142 16.37 -5.76 18.63
CA PHE E 142 15.66 -5.44 19.86
C PHE E 142 14.33 -4.77 19.56
N ARG E 143 14.30 -3.86 18.58
CA ARG E 143 13.05 -3.23 18.19
C ARG E 143 12.07 -4.26 17.64
N CYS E 144 12.54 -5.10 16.70
CA CYS E 144 11.69 -6.12 16.10
C CYS E 144 11.26 -7.17 17.12
N ILE E 145 11.96 -7.26 18.25
CA ILE E 145 11.69 -8.26 19.28
C ILE E 145 10.70 -7.74 20.31
N VAL E 146 10.95 -6.56 20.87
CA VAL E 146 10.15 -6.07 21.99
C VAL E 146 9.00 -5.21 21.51
N HIS E 147 9.25 -4.32 20.55
CA HIS E 147 8.25 -3.37 20.05
C HIS E 147 8.08 -3.57 18.55
N PRO E 148 7.34 -4.59 18.13
CA PRO E 148 7.17 -4.84 16.69
C PRO E 148 6.50 -3.70 15.96
N PHE E 149 5.39 -3.20 16.49
CA PHE E 149 4.70 -2.07 15.85
C PHE E 149 5.13 -0.74 16.44
N ARG E 150 5.35 -0.67 17.75
CA ARG E 150 5.86 0.54 18.36
C ARG E 150 7.28 0.84 17.88
N GLU E 151 7.57 2.11 17.69
CA GLU E 151 8.84 2.55 17.13
C GLU E 151 9.10 1.86 15.79
N LYS E 152 8.10 1.90 14.91
CA LYS E 152 8.19 1.24 13.62
C LYS E 152 9.29 1.89 12.78
N LEU E 153 10.39 1.17 12.61
CA LEU E 153 11.54 1.67 11.86
C LEU E 153 11.40 1.37 10.37
N THR E 154 11.82 2.34 9.56
CA THR E 154 11.62 2.28 8.11
C THR E 154 12.90 2.55 7.34
N LEU E 155 12.78 2.75 6.02
CA LEU E 155 13.96 3.02 5.20
C LEU E 155 14.67 4.30 5.64
N ARG E 156 13.90 5.33 6.01
CA ARG E 156 14.51 6.56 6.50
C ARG E 156 15.32 6.29 7.76
N LYS E 157 14.84 5.38 8.61
CA LYS E 157 15.61 4.99 9.79
C LYS E 157 16.92 4.31 9.38
N ALA E 158 16.88 3.48 8.34
CA ALA E 158 18.10 2.84 7.85
C ALA E 158 19.09 3.89 7.36
N LEU E 159 18.62 4.85 6.57
CA LEU E 159 19.51 5.89 6.08
C LEU E 159 20.09 6.70 7.24
N VAL E 160 19.26 7.05 8.21
CA VAL E 160 19.72 7.84 9.35
C VAL E 160 20.78 7.07 10.14
N THR E 161 20.53 5.79 10.41
CA THR E 161 21.45 5.03 11.24
C THR E 161 22.76 4.75 10.51
N ILE E 162 22.71 4.47 9.20
CA ILE E 162 23.95 4.25 8.48
C ILE E 162 24.74 5.55 8.37
N ALA E 163 24.05 6.67 8.18
CA ALA E 163 24.74 7.95 8.14
C ALA E 163 25.41 8.28 9.46
N VAL E 164 24.71 8.08 10.58
CA VAL E 164 25.32 8.39 11.87
C VAL E 164 26.45 7.42 12.19
N ILE E 165 26.34 6.16 11.79
CA ILE E 165 27.43 5.21 12.02
C ILE E 165 28.67 5.64 11.25
N TRP E 166 28.51 5.99 9.98
CA TRP E 166 29.67 6.40 9.19
C TRP E 166 30.25 7.73 9.69
N ALA E 167 29.38 8.65 10.11
CA ALA E 167 29.85 9.91 10.67
C ALA E 167 30.63 9.70 11.96
N LEU E 168 30.15 8.80 12.82
CA LEU E 168 30.88 8.48 14.04
C LEU E 168 32.21 7.84 13.73
N ALA E 169 32.25 6.94 12.75
CA ALA E 169 33.51 6.31 12.36
C ALA E 169 34.50 7.34 11.84
N LEU E 170 34.02 8.32 11.08
CA LEU E 170 34.91 9.36 10.59
C LEU E 170 35.39 10.29 11.71
N LEU E 171 34.47 10.74 12.56
CA LEU E 171 34.80 11.76 13.56
C LEU E 171 35.63 11.19 14.71
N ILE E 172 35.36 9.95 15.12
CA ILE E 172 36.10 9.36 16.23
C ILE E 172 37.56 9.16 15.88
N MET E 173 37.93 9.28 14.61
CA MET E 173 39.30 9.11 14.18
C MET E 173 39.92 10.34 13.53
N CYS E 174 39.16 11.44 13.41
CA CYS E 174 39.72 12.64 12.80
C CYS E 174 40.96 13.15 13.55
N PRO E 175 40.97 13.26 14.88
CA PRO E 175 42.23 13.58 15.56
C PRO E 175 43.31 12.54 15.33
N SER E 176 42.95 11.27 15.16
CA SER E 176 43.94 10.24 14.86
C SER E 176 44.47 10.34 13.43
N ALA E 177 43.74 11.00 12.54
CA ALA E 177 44.14 11.13 11.15
C ALA E 177 45.10 12.29 10.92
N VAL E 178 45.44 13.05 11.97
CA VAL E 178 46.38 14.16 11.86
C VAL E 178 47.70 13.87 12.55
N THR E 179 47.78 12.85 13.40
CA THR E 179 49.01 12.48 14.07
C THR E 179 49.75 11.35 13.37
N LEU E 180 49.26 10.89 12.22
CA LEU E 180 49.91 9.81 11.48
C LEU E 180 51.07 10.42 10.69
N THR E 181 52.21 10.56 11.35
CA THR E 181 53.41 11.10 10.74
C THR E 181 54.42 9.98 10.52
N VAL E 182 54.94 9.89 9.30
CA VAL E 182 55.94 8.89 8.97
C VAL E 182 57.31 9.45 9.37
N THR E 183 57.68 9.25 10.62
CA THR E 183 58.88 9.86 11.16
C THR E 183 60.14 9.23 10.56
N ARG E 184 61.18 10.07 10.44
CA ARG E 184 62.43 9.64 9.85
C ARG E 184 63.22 8.79 10.84
N GLU E 185 63.52 7.56 10.44
CA GLU E 185 64.25 6.63 11.30
C GLU E 185 65.53 6.18 10.62
N GLU E 186 66.32 7.13 10.13
CA GLU E 186 67.58 6.84 9.45
C GLU E 186 68.57 6.15 10.38
N HIS E 187 69.75 5.82 9.87
CA HIS E 187 70.77 4.99 10.53
C HIS E 187 70.20 3.65 10.99
N HIS E 188 69.04 3.27 10.45
CA HIS E 188 68.43 1.97 10.67
C HIS E 188 68.23 1.34 9.29
N PHE E 189 68.64 0.09 9.15
CA PHE E 189 68.75 -0.53 7.83
C PHE E 189 68.00 -1.86 7.83
N MET E 190 67.78 -2.40 6.62
CA MET E 190 67.16 -3.71 6.43
C MET E 190 67.92 -4.52 5.40
N VAL E 191 69.24 -4.65 5.56
CA VAL E 191 70.03 -5.44 4.63
C VAL E 191 69.59 -6.89 4.70
N ASP E 192 68.88 -7.35 3.67
CA ASP E 192 68.52 -8.74 3.49
C ASP E 192 69.58 -9.41 2.61
N ALA E 193 69.25 -10.60 2.09
CA ALA E 193 70.16 -11.27 1.17
C ALA E 193 70.46 -10.40 -0.06
N ARG E 194 69.52 -9.54 -0.44
CA ARG E 194 69.72 -8.62 -1.56
C ARG E 194 70.25 -7.25 -1.13
N ASN E 195 70.44 -7.04 0.17
CA ASN E 195 70.97 -5.78 0.71
C ASN E 195 70.09 -4.60 0.30
N ARG E 196 68.85 -4.61 0.78
CA ARG E 196 67.93 -3.52 0.53
C ARG E 196 68.38 -2.26 1.27
N SER E 197 68.43 -1.14 0.56
CA SER E 197 68.90 0.14 1.11
C SER E 197 67.73 1.11 1.15
N TYR E 198 67.21 1.39 2.35
CA TYR E 198 66.07 2.26 2.50
C TYR E 198 65.92 2.63 3.97
N PRO E 199 65.73 3.91 4.30
CA PRO E 199 65.69 4.31 5.72
C PRO E 199 64.39 3.87 6.39
N LEU E 200 64.51 3.55 7.69
CA LEU E 200 63.38 3.03 8.43
C LEU E 200 62.35 4.12 8.72
N TYR E 201 61.16 3.68 9.12
CA TYR E 201 60.10 4.57 9.56
C TYR E 201 59.27 3.84 10.61
N SER E 202 58.55 4.61 11.43
CA SER E 202 57.80 4.06 12.55
C SER E 202 56.31 4.28 12.47
N CYS E 203 55.86 5.39 11.89
CA CYS E 203 54.44 5.74 11.80
C CYS E 203 53.80 5.80 13.19
N TRP E 204 54.30 6.75 13.98
CA TRP E 204 53.88 6.92 15.36
C TRP E 204 52.95 8.12 15.49
N GLU E 205 52.08 8.07 16.50
CA GLU E 205 51.12 9.13 16.75
C GLU E 205 51.82 10.38 17.27
N ALA E 206 52.16 11.31 16.38
CA ALA E 206 52.92 12.51 16.74
C ALA E 206 51.96 13.57 17.31
N TRP E 207 51.52 13.32 18.53
CA TRP E 207 50.68 14.26 19.25
C TRP E 207 51.51 15.45 19.73
N PRO E 208 50.86 16.58 20.02
CA PRO E 208 51.61 17.72 20.58
C PRO E 208 52.31 17.39 21.89
N GLU E 209 51.71 16.53 22.72
CA GLU E 209 52.37 16.01 23.90
C GLU E 209 52.07 14.52 24.00
N LYS E 210 52.94 13.81 24.74
CA LYS E 210 52.86 12.35 24.79
C LYS E 210 51.53 11.89 25.39
N GLY E 211 51.05 12.59 26.42
CA GLY E 211 49.86 12.16 27.13
C GLY E 211 48.60 12.12 26.30
N MET E 212 48.57 12.82 25.16
CA MET E 212 47.38 12.80 24.32
C MET E 212 47.11 11.41 23.78
N ARG E 213 48.16 10.67 23.41
CA ARG E 213 47.96 9.34 22.86
C ARG E 213 47.33 8.40 23.87
N ARG E 214 47.69 8.53 25.15
CA ARG E 214 47.12 7.67 26.18
C ARG E 214 45.62 7.91 26.33
N VAL E 215 45.22 9.18 26.44
CA VAL E 215 43.80 9.48 26.57
C VAL E 215 43.03 9.13 25.31
N TYR E 216 43.68 9.27 24.14
CA TYR E 216 43.05 8.84 22.90
C TYR E 216 42.81 7.34 22.89
N THR E 217 43.79 6.56 23.34
CA THR E 217 43.61 5.13 23.44
C THR E 217 42.49 4.77 24.39
N THR E 218 42.43 5.44 25.55
CA THR E 218 41.38 5.14 26.52
C THR E 218 40.00 5.47 25.98
N VAL E 219 39.84 6.63 25.33
CA VAL E 219 38.53 6.99 24.82
C VAL E 219 38.13 6.09 23.66
N LEU E 220 39.09 5.69 22.82
CA LEU E 220 38.77 4.74 21.76
C LEU E 220 38.36 3.39 22.32
N PHE E 221 39.05 2.93 23.36
CA PHE E 221 38.68 1.67 23.99
C PHE E 221 37.28 1.74 24.56
N SER E 222 36.94 2.87 25.19
CA SER E 222 35.58 3.05 25.69
C SER E 222 34.56 3.06 24.55
N HIS E 223 34.91 3.73 23.44
CA HIS E 223 33.96 3.89 22.35
C HIS E 223 33.77 2.62 21.52
N ILE E 224 34.73 1.70 21.56
CA ILE E 224 34.69 0.51 20.72
C ILE E 224 34.37 -0.75 21.52
N TYR E 225 35.06 -0.97 22.63
CA TYR E 225 34.93 -2.22 23.37
C TYR E 225 34.20 -2.08 24.71
N LEU E 226 33.79 -0.88 25.10
CA LEU E 226 33.08 -0.71 26.37
C LEU E 226 31.62 -0.36 26.16
N ALA E 227 31.32 0.74 25.47
CA ALA E 227 29.93 1.13 25.29
C ALA E 227 29.20 0.22 24.31
N PRO E 228 29.73 -0.09 23.12
CA PRO E 228 29.05 -1.07 22.27
C PRO E 228 28.89 -2.42 22.95
N LEU E 229 29.90 -2.88 23.67
CA LEU E 229 29.80 -4.17 24.33
C LEU E 229 28.73 -4.17 25.42
N ALA E 230 28.68 -3.09 26.21
CA ALA E 230 27.64 -3.00 27.23
C ALA E 230 26.26 -2.97 26.61
N LEU E 231 26.08 -2.20 25.53
CA LEU E 231 24.80 -2.15 24.85
C LEU E 231 24.40 -3.54 24.37
N ILE E 232 25.32 -4.24 23.70
CA ILE E 232 25.01 -5.55 23.13
C ILE E 232 24.62 -6.52 24.24
N VAL E 233 25.40 -6.55 25.32
CA VAL E 233 25.15 -7.56 26.35
C VAL E 233 23.84 -7.28 27.07
N VAL E 234 23.56 -6.02 27.43
CA VAL E 234 22.33 -5.74 28.17
C VAL E 234 21.11 -5.97 27.27
N MET E 235 21.20 -5.61 26.00
CA MET E 235 20.06 -5.74 25.11
C MET E 235 19.77 -7.20 24.81
N TYR E 236 20.81 -8.01 24.54
CA TYR E 236 20.60 -9.43 24.34
C TYR E 236 20.11 -10.10 25.63
N ALA E 237 20.57 -9.61 26.80
CA ALA E 237 20.07 -10.15 28.05
C ALA E 237 18.58 -9.91 28.20
N ARG E 238 18.12 -8.70 27.88
CA ARG E 238 16.69 -8.40 27.96
C ARG E 238 15.89 -9.26 26.98
N ILE E 239 16.39 -9.41 25.76
CA ILE E 239 15.68 -10.20 24.76
C ILE E 239 15.57 -11.65 25.21
N ALA E 240 16.70 -12.24 25.62
CA ALA E 240 16.71 -13.62 26.08
C ALA E 240 15.84 -13.78 27.32
N ARG E 241 15.78 -12.74 28.16
CA ARG E 241 14.94 -12.81 29.35
C ARG E 241 13.47 -12.89 28.99
N LYS E 242 13.00 -12.07 28.03
CA LYS E 242 11.57 -12.17 27.79
C LYS E 242 11.26 -13.45 27.02
N LEU E 243 12.18 -13.90 26.17
CA LEU E 243 11.92 -15.08 25.35
C LEU E 243 12.02 -16.37 26.16
N CYS E 244 12.65 -16.34 27.33
CA CYS E 244 12.76 -17.53 28.16
C CYS E 244 11.49 -17.84 28.93
N GLN E 245 10.50 -16.94 28.91
CA GLN E 245 9.25 -17.17 29.61
C GLN E 245 8.47 -18.32 28.96
N ARG E 264 11.50 -23.79 19.71
CA ARG E 264 12.94 -23.77 19.96
C ARG E 264 13.39 -22.40 20.45
N ARG E 265 12.61 -21.82 21.37
CA ARG E 265 12.92 -20.49 21.87
C ARG E 265 14.27 -20.45 22.59
N ALA E 266 14.68 -21.56 23.20
CA ALA E 266 15.98 -21.59 23.86
C ALA E 266 17.13 -21.48 22.87
N ARG E 267 16.97 -22.06 21.67
CA ARG E 267 18.02 -21.98 20.67
C ARG E 267 18.33 -20.54 20.28
N VAL E 268 17.32 -19.67 20.30
CA VAL E 268 17.55 -18.25 20.04
C VAL E 268 18.43 -17.65 21.13
N VAL E 269 18.15 -18.01 22.39
CA VAL E 269 18.97 -17.52 23.49
C VAL E 269 20.40 -18.01 23.35
N HIS E 270 20.57 -19.28 22.97
CA HIS E 270 21.92 -19.80 22.73
C HIS E 270 22.63 -19.05 21.61
N MET E 271 21.91 -18.74 20.53
CA MET E 271 22.51 -17.99 19.44
C MET E 271 22.96 -16.61 19.89
N LEU E 272 22.11 -15.90 20.64
CA LEU E 272 22.48 -14.57 21.10
C LEU E 272 23.68 -14.63 22.05
N VAL E 273 23.68 -15.61 22.96
CA VAL E 273 24.80 -15.78 23.89
C VAL E 273 26.08 -16.06 23.12
N MET E 274 26.00 -16.92 22.11
CA MET E 274 27.20 -17.25 21.33
C MET E 274 27.71 -16.02 20.59
N VAL E 275 26.80 -15.22 20.03
CA VAL E 275 27.22 -14.02 19.33
C VAL E 275 27.91 -13.04 20.28
N ALA E 276 27.34 -12.85 21.47
CA ALA E 276 27.97 -11.96 22.44
C ALA E 276 29.34 -12.49 22.87
N LEU E 277 29.43 -13.80 23.12
CA LEU E 277 30.70 -14.38 23.52
C LEU E 277 31.74 -14.25 22.41
N PHE E 278 31.32 -14.42 21.15
CA PHE E 278 32.22 -14.22 20.03
C PHE E 278 32.75 -12.80 20.01
N PHE E 279 31.85 -11.81 20.05
CA PHE E 279 32.27 -10.42 19.98
C PHE E 279 33.18 -10.05 21.14
N THR E 280 32.96 -10.65 22.32
CA THR E 280 33.84 -10.35 23.45
C THR E 280 35.21 -11.00 23.27
N LEU E 281 35.23 -12.32 23.06
CA LEU E 281 36.49 -13.05 23.12
C LEU E 281 37.38 -12.76 21.92
N SER E 282 36.81 -12.75 20.71
CA SER E 282 37.65 -12.54 19.53
C SER E 282 38.18 -11.12 19.43
N TRP E 283 37.65 -10.19 20.22
CA TRP E 283 38.06 -8.80 20.17
C TRP E 283 38.85 -8.36 21.39
N LEU E 284 38.77 -9.09 22.51
CA LEU E 284 39.46 -8.68 23.72
C LEU E 284 40.99 -8.64 23.59
N PRO E 285 41.67 -9.68 23.09
CA PRO E 285 43.14 -9.66 23.14
C PRO E 285 43.77 -8.51 22.37
N LEU E 286 43.17 -8.08 21.26
CA LEU E 286 43.75 -6.97 20.50
C LEU E 286 43.82 -5.71 21.33
N TRP E 287 42.68 -5.29 21.89
CA TRP E 287 42.69 -4.10 22.72
C TRP E 287 43.43 -4.34 24.02
N ALA E 288 43.47 -5.58 24.51
CA ALA E 288 44.25 -5.88 25.71
C ALA E 288 45.73 -5.58 25.50
N LEU E 289 46.30 -6.10 24.41
CA LEU E 289 47.70 -5.84 24.13
C LEU E 289 47.94 -4.39 23.75
N LEU E 290 46.97 -3.76 23.07
CA LEU E 290 47.14 -2.35 22.74
C LEU E 290 47.20 -1.49 24.00
N LEU E 291 46.30 -1.76 24.96
CA LEU E 291 46.34 -1.05 26.24
C LEU E 291 47.63 -1.36 26.99
N LEU E 292 48.07 -2.61 26.96
CA LEU E 292 49.33 -2.97 27.58
C LEU E 292 50.46 -2.10 27.06
N ILE E 293 50.60 -2.04 25.73
CA ILE E 293 51.68 -1.28 25.11
C ILE E 293 51.55 0.20 25.44
N ASP E 294 50.33 0.73 25.36
CA ASP E 294 50.16 2.17 25.54
C ASP E 294 50.40 2.60 26.98
N TYR E 295 49.67 2.01 27.93
CA TYR E 295 49.79 2.45 29.32
C TYR E 295 50.98 1.79 30.02
N GLY E 296 51.02 0.46 30.06
CA GLY E 296 52.07 -0.21 30.80
C GLY E 296 53.45 -0.01 30.22
N GLN E 297 53.56 -0.01 28.89
CA GLN E 297 54.80 0.13 28.14
C GLN E 297 55.76 -1.03 28.35
N LEU E 298 55.39 -1.99 29.19
CA LEU E 298 56.19 -3.18 29.47
C LEU E 298 57.66 -2.87 29.69
N SER E 299 58.53 -3.69 29.11
CA SER E 299 59.97 -3.53 29.13
C SER E 299 60.51 -4.23 27.89
N ALA E 300 61.76 -3.92 27.54
CA ALA E 300 62.33 -4.36 26.25
C ALA E 300 62.08 -5.82 25.90
N PRO E 301 62.28 -6.81 26.79
CA PRO E 301 61.98 -8.20 26.41
C PRO E 301 60.51 -8.43 26.11
N GLN E 302 59.63 -8.01 27.04
CA GLN E 302 58.20 -8.18 26.83
C GLN E 302 57.71 -7.39 25.64
N LEU E 303 58.23 -6.18 25.44
CA LEU E 303 57.87 -5.38 24.28
C LEU E 303 58.25 -6.08 22.98
N HIS E 304 59.46 -6.64 22.92
CA HIS E 304 59.85 -7.40 21.75
C HIS E 304 58.91 -8.58 21.53
N LEU E 305 58.58 -9.29 22.61
CA LEU E 305 57.73 -10.46 22.49
C LEU E 305 56.35 -10.09 21.93
N VAL E 306 55.75 -9.02 22.46
CA VAL E 306 54.42 -8.64 22.00
C VAL E 306 54.47 -8.12 20.57
N THR E 307 55.51 -7.36 20.23
CA THR E 307 55.59 -6.83 18.87
C THR E 307 55.76 -7.94 17.85
N VAL E 308 56.55 -8.97 18.17
CA VAL E 308 56.84 -9.99 17.16
C VAL E 308 55.81 -11.13 17.17
N TYR E 309 55.17 -11.41 18.30
CA TYR E 309 54.26 -12.54 18.39
C TYR E 309 52.81 -12.15 18.65
N ALA E 310 52.54 -11.41 19.73
CA ALA E 310 51.18 -11.28 20.22
C ALA E 310 50.30 -10.48 19.29
N PHE E 311 50.82 -9.38 18.73
CA PHE E 311 50.00 -8.53 17.90
C PHE E 311 49.51 -9.20 16.62
N PRO E 312 50.32 -9.96 15.87
CA PRO E 312 49.76 -10.66 14.70
C PRO E 312 48.60 -11.59 15.05
N PHE E 313 48.73 -12.36 16.14
CA PHE E 313 47.63 -13.26 16.53
C PHE E 313 46.41 -12.46 16.97
N ALA E 314 46.63 -11.38 17.72
CA ALA E 314 45.50 -10.57 18.17
C ALA E 314 44.75 -9.96 17.00
N HIS E 315 45.49 -9.50 15.99
CA HIS E 315 44.84 -9.01 14.77
C HIS E 315 44.16 -10.13 14.02
N TRP E 316 44.73 -11.34 14.06
CA TRP E 316 44.09 -12.50 13.45
C TRP E 316 42.73 -12.75 14.08
N LEU E 317 42.63 -12.67 15.41
CA LEU E 317 41.35 -12.86 16.07
C LEU E 317 40.35 -11.78 15.69
N ALA E 318 40.80 -10.51 15.68
CA ALA E 318 39.88 -9.41 15.39
C ALA E 318 39.36 -9.49 13.96
N PHE E 319 40.24 -9.77 13.00
CA PHE E 319 39.82 -9.85 11.60
C PHE E 319 39.00 -11.09 11.31
N PHE E 320 38.98 -12.06 12.23
CA PHE E 320 38.12 -13.22 12.08
C PHE E 320 36.64 -12.81 12.07
N ASN E 321 36.31 -11.70 12.70
CA ASN E 321 34.92 -11.28 12.81
C ASN E 321 34.31 -11.01 11.45
N SER E 322 35.05 -10.33 10.57
CA SER E 322 34.52 -9.99 9.26
C SER E 322 34.29 -11.23 8.40
N SER E 323 35.02 -12.31 8.68
CA SER E 323 34.83 -13.57 7.96
C SER E 323 33.78 -14.46 8.63
N ALA E 324 33.57 -14.31 9.94
CA ALA E 324 32.52 -15.04 10.62
C ALA E 324 31.16 -14.36 10.52
N ASN E 325 31.13 -13.10 10.09
CA ASN E 325 29.87 -12.39 9.95
C ASN E 325 28.93 -13.01 8.93
N PRO E 326 29.35 -13.35 7.69
CA PRO E 326 28.37 -13.87 6.73
C PRO E 326 27.97 -15.31 6.96
N ILE E 327 28.77 -16.10 7.66
CA ILE E 327 28.35 -17.47 7.96
C ILE E 327 27.42 -17.49 9.16
N ILE E 328 27.51 -16.49 10.04
CA ILE E 328 26.63 -16.41 11.21
C ILE E 328 25.38 -15.65 10.84
N TYR E 329 25.54 -14.39 10.42
CA TYR E 329 24.40 -13.55 10.10
C TYR E 329 23.76 -13.90 8.76
N GLY E 330 24.41 -14.72 7.93
CA GLY E 330 23.81 -15.14 6.68
C GLY E 330 23.14 -16.50 6.74
N TYR E 331 23.86 -17.52 7.21
CA TYR E 331 23.30 -18.86 7.25
C TYR E 331 22.24 -18.99 8.34
N PHE E 332 22.54 -18.51 9.54
CA PHE E 332 21.62 -18.65 10.66
C PHE E 332 20.47 -17.66 10.61
N ASN E 333 20.51 -16.70 9.69
CA ASN E 333 19.37 -15.80 9.53
C ASN E 333 18.18 -16.53 8.91
N GLU E 334 18.45 -17.45 7.97
CA GLU E 334 17.50 -18.41 7.42
C GLU E 334 16.47 -17.79 6.50
N ASN E 335 16.39 -16.45 6.47
CA ASN E 335 15.60 -15.81 5.42
C ASN E 335 16.36 -15.82 4.11
N PHE E 336 17.69 -15.68 4.20
CA PHE E 336 18.54 -15.89 3.04
C PHE E 336 18.52 -17.36 2.62
N ARG E 337 18.48 -18.27 3.59
CA ARG E 337 18.41 -19.69 3.28
C ARG E 337 17.10 -20.02 2.56
N ARG E 338 15.98 -19.46 3.02
CA ARG E 338 14.71 -19.67 2.35
C ARG E 338 14.53 -18.77 1.13
N GLY E 339 15.43 -17.83 0.90
CA GLY E 339 15.35 -16.95 -0.25
C GLY E 339 15.96 -17.54 -1.50
N VAL F 1 -27.41 21.68 7.96
CA VAL F 1 -26.37 22.69 8.05
C VAL F 1 -26.92 23.93 8.72
N GLN F 2 -26.24 24.39 9.77
CA GLN F 2 -26.68 25.58 10.50
C GLN F 2 -25.50 26.15 11.26
N LEU F 3 -25.30 27.45 11.15
CA LEU F 3 -24.26 28.17 11.89
C LEU F 3 -24.92 29.30 12.66
N VAL F 4 -24.74 29.31 13.97
CA VAL F 4 -25.33 30.32 14.84
C VAL F 4 -24.22 30.99 15.62
N GLU F 5 -24.18 32.31 15.60
CA GLU F 5 -23.15 33.06 16.30
C GLU F 5 -23.77 33.92 17.40
N SER F 6 -22.97 34.17 18.43
CA SER F 6 -23.40 34.97 19.57
C SER F 6 -22.18 35.64 20.17
N GLY F 7 -22.44 36.60 21.06
CA GLY F 7 -21.38 37.34 21.71
C GLY F 7 -21.28 38.79 21.31
N GLY F 8 -22.19 39.28 20.47
CA GLY F 8 -22.17 40.68 20.09
C GLY F 8 -22.71 41.58 21.18
N GLY F 9 -22.80 42.85 20.86
CA GLY F 9 -23.34 43.84 21.76
C GLY F 9 -22.51 45.09 21.73
N LEU F 10 -22.78 45.99 22.69
CA LEU F 10 -22.09 47.25 22.78
C LEU F 10 -20.80 47.06 23.58
N VAL F 11 -19.67 47.41 22.98
CA VAL F 11 -18.36 47.22 23.58
C VAL F 11 -17.66 48.57 23.66
N GLN F 12 -17.16 48.91 24.84
CA GLN F 12 -16.37 50.13 24.99
C GLN F 12 -15.08 50.01 24.19
N PRO F 13 -14.66 51.06 23.49
CA PRO F 13 -13.42 50.98 22.72
C PRO F 13 -12.22 50.70 23.61
N GLY F 14 -11.30 49.90 23.10
CA GLY F 14 -10.16 49.46 23.88
C GLY F 14 -10.41 48.23 24.72
N GLY F 15 -11.65 47.74 24.76
CA GLY F 15 -11.99 46.56 25.53
C GLY F 15 -11.81 45.30 24.72
N SER F 16 -12.42 44.22 25.22
CA SER F 16 -12.32 42.92 24.58
C SER F 16 -13.71 42.29 24.48
N ARG F 17 -13.85 41.38 23.52
CA ARG F 17 -15.12 40.70 23.31
C ARG F 17 -14.83 39.38 22.59
N LYS F 18 -15.53 38.33 23.00
CA LYS F 18 -15.35 37.00 22.43
C LYS F 18 -16.57 36.63 21.63
N LEU F 19 -16.37 36.27 20.37
CA LEU F 19 -17.44 35.84 19.48
C LEU F 19 -17.38 34.33 19.34
N SER F 20 -18.54 33.69 19.34
CA SER F 20 -18.64 32.24 19.23
C SER F 20 -19.54 31.89 18.05
N CYS F 21 -19.37 30.67 17.55
CA CYS F 21 -20.13 30.18 16.39
C CYS F 21 -20.36 28.70 16.57
N SER F 22 -21.56 28.32 16.96
CA SER F 22 -21.93 26.93 17.17
C SER F 22 -22.44 26.33 15.87
N ALA F 23 -21.82 25.23 15.45
CA ALA F 23 -22.18 24.57 14.21
C ALA F 23 -23.04 23.35 14.49
N SER F 24 -23.89 23.01 13.53
CA SER F 24 -24.77 21.86 13.65
C SER F 24 -25.13 21.36 12.27
N GLY F 25 -25.39 20.06 12.17
CA GLY F 25 -25.87 19.49 10.93
C GLY F 25 -24.83 19.19 9.88
N PHE F 26 -23.55 19.34 10.18
CA PHE F 26 -22.51 19.00 9.23
C PHE F 26 -21.23 18.69 9.99
N ALA F 27 -20.29 18.07 9.28
CA ALA F 27 -19.00 17.69 9.86
C ALA F 27 -18.12 18.92 10.07
N PHE F 28 -18.18 19.50 11.27
CA PHE F 28 -17.48 20.75 11.52
C PHE F 28 -15.97 20.60 11.37
N SER F 29 -15.42 19.48 11.87
CA SER F 29 -13.97 19.30 11.89
C SER F 29 -13.37 19.23 10.50
N SER F 30 -14.15 18.90 9.48
CA SER F 30 -13.63 18.75 8.13
C SER F 30 -13.64 20.04 7.33
N PHE F 31 -14.18 21.12 7.89
CA PHE F 31 -14.35 22.38 7.17
C PHE F 31 -13.42 23.43 7.74
N GLY F 32 -12.71 24.12 6.84
CA GLY F 32 -12.06 25.35 7.24
C GLY F 32 -13.08 26.44 7.48
N MET F 33 -12.79 27.32 8.42
CA MET F 33 -13.75 28.32 8.88
C MET F 33 -13.19 29.72 8.71
N HIS F 34 -14.05 30.63 8.26
CA HIS F 34 -13.70 32.03 8.06
C HIS F 34 -14.60 32.91 8.90
N TRP F 35 -14.08 34.08 9.25
CA TRP F 35 -14.87 35.17 9.81
C TRP F 35 -14.90 36.30 8.80
N VAL F 36 -16.10 36.77 8.46
CA VAL F 36 -16.28 37.84 7.50
C VAL F 36 -17.18 38.89 8.13
N ARG F 37 -16.70 40.12 8.18
CA ARG F 37 -17.46 41.21 8.78
C ARG F 37 -18.07 42.10 7.70
N GLN F 38 -19.06 42.88 8.09
CA GLN F 38 -19.72 43.82 7.19
C GLN F 38 -20.10 45.06 7.99
N ALA F 39 -19.41 46.17 7.75
CA ALA F 39 -19.71 47.39 8.44
C ALA F 39 -21.11 47.88 8.05
N PRO F 40 -21.80 48.62 8.92
CA PRO F 40 -23.15 49.07 8.60
C PRO F 40 -23.20 49.86 7.30
N GLU F 41 -24.07 49.41 6.38
CA GLU F 41 -24.22 50.04 5.07
C GLU F 41 -22.91 50.07 4.30
N LYS F 42 -22.11 49.01 4.44
CA LYS F 42 -20.85 48.87 3.72
C LYS F 42 -20.75 47.44 3.19
N GLY F 43 -19.68 47.18 2.46
CA GLY F 43 -19.49 45.88 1.85
C GLY F 43 -18.84 44.88 2.78
N LEU F 44 -18.73 43.65 2.29
CA LEU F 44 -18.11 42.59 3.08
C LEU F 44 -16.61 42.77 3.16
N GLU F 45 -16.03 42.25 4.23
CA GLU F 45 -14.59 42.35 4.46
C GLU F 45 -14.14 41.10 5.21
N TRP F 46 -13.24 40.33 4.58
CA TRP F 46 -12.74 39.11 5.19
C TRP F 46 -11.85 39.44 6.38
N VAL F 47 -12.02 38.68 7.47
CA VAL F 47 -11.36 38.97 8.75
C VAL F 47 -10.27 37.97 9.06
N ALA F 48 -10.62 36.69 9.15
CA ALA F 48 -9.66 35.67 9.59
C ALA F 48 -10.04 34.34 8.98
N TYR F 49 -9.19 33.34 9.21
CA TYR F 49 -9.38 32.01 8.66
C TYR F 49 -8.61 31.01 9.50
N ILE F 50 -9.23 29.88 9.80
CA ILE F 50 -8.57 28.76 10.48
C ILE F 50 -8.84 27.50 9.68
N SER F 51 -7.78 26.74 9.40
CA SER F 51 -7.90 25.60 8.52
C SER F 51 -8.55 24.42 9.24
N SER F 52 -8.96 23.42 8.47
CA SER F 52 -9.45 22.17 9.03
C SER F 52 -8.31 21.48 9.75
N GLY F 53 -8.39 21.41 11.07
CA GLY F 53 -7.30 20.93 11.87
C GLY F 53 -6.45 21.99 12.53
N SER F 54 -6.82 23.27 12.38
CA SER F 54 -6.13 24.40 13.00
C SER F 54 -4.68 24.52 12.54
N GLY F 55 -4.30 23.83 11.47
CA GLY F 55 -2.93 23.87 11.02
C GLY F 55 -2.51 25.23 10.51
N THR F 56 -3.36 25.88 9.73
CA THR F 56 -3.05 27.16 9.09
C THR F 56 -4.03 28.21 9.58
N ILE F 57 -3.51 29.38 9.95
CA ILE F 57 -4.32 30.48 10.42
C ILE F 57 -3.87 31.75 9.71
N TYR F 58 -4.83 32.48 9.15
CA TYR F 58 -4.56 33.73 8.45
C TYR F 58 -5.42 34.84 9.04
N TYR F 59 -4.91 36.06 8.95
CA TYR F 59 -5.63 37.24 9.42
C TYR F 59 -5.53 38.35 8.39
N ALA F 60 -6.53 39.23 8.41
CA ALA F 60 -6.44 40.46 7.64
C ALA F 60 -5.50 41.43 8.34
N ASP F 61 -4.98 42.37 7.57
CA ASP F 61 -4.00 43.31 8.12
C ASP F 61 -4.62 44.20 9.19
N THR F 62 -5.88 44.62 8.99
CA THR F 62 -6.53 45.49 9.95
C THR F 62 -6.84 44.81 11.27
N VAL F 63 -6.72 43.48 11.35
CA VAL F 63 -7.01 42.76 12.58
C VAL F 63 -5.81 42.00 13.12
N LYS F 64 -4.69 41.96 12.39
CA LYS F 64 -3.53 41.22 12.86
C LYS F 64 -3.02 41.78 14.17
N GLY F 65 -2.76 40.89 15.13
CA GLY F 65 -2.26 41.27 16.43
C GLY F 65 -3.31 41.55 17.48
N ARG F 66 -4.57 41.74 17.07
CA ARG F 66 -5.65 41.97 18.02
C ARG F 66 -6.72 40.89 18.01
N PHE F 67 -6.91 40.21 16.89
CA PHE F 67 -7.93 39.19 16.77
C PHE F 67 -7.27 37.81 16.76
N THR F 68 -7.86 36.88 17.51
CA THR F 68 -7.39 35.50 17.56
C THR F 68 -8.53 34.57 17.21
N ILE F 69 -8.33 33.74 16.19
CA ILE F 69 -9.33 32.79 15.73
C ILE F 69 -8.93 31.40 16.18
N SER F 70 -9.84 30.71 16.85
CA SER F 70 -9.57 29.38 17.36
C SER F 70 -10.84 28.54 17.19
N ARG F 71 -10.67 27.23 17.14
CA ARG F 71 -11.80 26.33 16.99
C ARG F 71 -11.71 25.21 18.01
N ASP F 72 -12.87 24.75 18.45
CA ASP F 72 -12.99 23.63 19.39
C ASP F 72 -13.78 22.54 18.67
N ASP F 73 -13.06 21.63 18.02
CA ASP F 73 -13.71 20.60 17.21
C ASP F 73 -14.66 19.71 17.99
N PRO F 74 -14.33 19.20 19.18
CA PRO F 74 -15.27 18.29 19.86
C PRO F 74 -16.64 18.90 20.11
N LYS F 75 -16.72 20.18 20.47
CA LYS F 75 -18.00 20.84 20.69
C LYS F 75 -18.42 21.73 19.53
N ASN F 76 -17.78 21.62 18.38
CA ASN F 76 -18.24 22.24 17.14
C ASN F 76 -18.44 23.74 17.28
N THR F 77 -17.43 24.41 17.83
CA THR F 77 -17.50 25.84 18.08
C THR F 77 -16.34 26.55 17.41
N LEU F 78 -16.61 27.75 16.89
CA LEU F 78 -15.60 28.62 16.32
C LEU F 78 -15.57 29.91 17.10
N PHE F 79 -14.37 30.38 17.44
CA PHE F 79 -14.21 31.54 18.30
C PHE F 79 -13.48 32.65 17.57
N LEU F 80 -13.68 33.87 18.04
CA LEU F 80 -12.93 35.03 17.58
C LEU F 80 -12.73 35.94 18.78
N GLN F 81 -11.59 35.82 19.44
CA GLN F 81 -11.27 36.67 20.57
C GLN F 81 -10.69 37.98 20.05
N MET F 82 -11.37 39.09 20.36
CA MET F 82 -10.97 40.41 19.90
C MET F 82 -10.53 41.25 21.08
N THR F 83 -9.41 41.95 20.93
CA THR F 83 -8.86 42.78 21.98
C THR F 83 -8.52 44.15 21.41
N SER F 84 -8.64 45.17 22.26
CA SER F 84 -8.39 46.55 21.87
C SER F 84 -9.23 46.93 20.65
N LEU F 85 -10.54 46.80 20.81
CA LEU F 85 -11.45 47.06 19.70
C LEU F 85 -11.54 48.55 19.42
N ARG F 86 -11.44 48.92 18.14
CA ARG F 86 -11.62 50.29 17.72
C ARG F 86 -13.02 50.47 17.14
N SER F 87 -13.41 51.74 16.97
CA SER F 87 -14.71 52.02 16.36
C SER F 87 -14.79 51.52 14.93
N GLU F 88 -13.66 51.31 14.27
CA GLU F 88 -13.64 50.76 12.93
C GLU F 88 -14.04 49.29 12.90
N ASP F 89 -14.17 48.65 14.05
CA ASP F 89 -14.58 47.25 14.14
C ASP F 89 -16.09 47.08 14.22
N THR F 90 -16.85 48.17 14.21
CA THR F 90 -18.31 48.09 14.26
C THR F 90 -18.81 47.45 12.98
N ALA F 91 -19.35 46.25 13.09
CA ALA F 91 -19.80 45.49 11.92
C ALA F 91 -20.65 44.33 12.40
N MET F 92 -21.12 43.53 11.44
CA MET F 92 -21.80 42.27 11.71
C MET F 92 -20.89 41.14 11.24
N TYR F 93 -20.60 40.21 12.14
CA TYR F 93 -19.60 39.18 11.89
C TYR F 93 -20.29 37.88 11.50
N TYR F 94 -19.82 37.27 10.42
CA TYR F 94 -20.42 36.07 9.85
C TYR F 94 -19.48 34.89 10.01
N CYS F 95 -20.07 33.72 10.24
CA CYS F 95 -19.34 32.47 10.32
C CYS F 95 -19.51 31.75 8.99
N VAL F 96 -18.40 31.56 8.27
CA VAL F 96 -18.45 30.98 6.93
C VAL F 96 -17.69 29.66 6.95
N ARG F 97 -18.34 28.58 6.57
CA ARG F 97 -17.69 27.30 6.39
C ARG F 97 -17.11 27.21 4.99
N SER F 98 -16.03 26.45 4.86
CA SER F 98 -15.32 26.39 3.59
C SER F 98 -14.44 25.15 3.57
N ILE F 99 -14.73 24.21 2.69
CA ILE F 99 -13.96 22.98 2.56
C ILE F 99 -13.21 23.04 1.24
N TYR F 100 -12.01 22.47 1.22
CA TYR F 100 -11.11 22.58 0.09
C TYR F 100 -10.63 21.21 -0.36
N TYR F 101 -11.04 20.81 -1.56
CA TYR F 101 -10.47 19.68 -2.26
C TYR F 101 -10.79 19.87 -3.73
N TYR F 102 -10.37 18.92 -4.56
CA TYR F 102 -10.59 19.06 -5.99
C TYR F 102 -12.08 19.04 -6.30
N GLY F 103 -12.57 20.07 -6.97
CA GLY F 103 -13.98 20.17 -7.28
C GLY F 103 -14.85 20.62 -6.14
N SER F 104 -14.27 21.06 -5.04
CA SER F 104 -15.04 21.47 -3.88
C SER F 104 -15.69 22.84 -4.12
N SER F 105 -16.62 23.20 -3.24
CA SER F 105 -17.35 24.46 -3.31
C SER F 105 -17.15 25.22 -2.02
N PRO F 106 -16.10 26.02 -1.92
CA PRO F 106 -15.84 26.76 -0.68
C PRO F 106 -16.82 27.92 -0.49
N PHE F 107 -16.87 28.39 0.76
CA PHE F 107 -17.71 29.53 1.16
C PHE F 107 -19.19 29.27 0.88
N ASP F 108 -19.62 28.01 0.96
CA ASP F 108 -20.95 27.66 0.47
C ASP F 108 -22.03 28.08 1.46
N PHE F 109 -21.76 27.99 2.76
CA PHE F 109 -22.76 28.30 3.78
C PHE F 109 -22.25 29.39 4.70
N TRP F 110 -23.11 30.38 4.96
CA TRP F 110 -22.81 31.49 5.85
C TRP F 110 -23.78 31.50 7.02
N GLY F 111 -23.30 31.89 8.18
CA GLY F 111 -24.17 32.01 9.33
C GLY F 111 -25.01 33.26 9.27
N GLN F 112 -25.92 33.38 10.24
CA GLN F 112 -26.86 34.50 10.23
C GLN F 112 -26.20 35.82 10.55
N GLY F 113 -25.17 35.83 11.39
CA GLY F 113 -24.50 37.06 11.72
C GLY F 113 -24.79 37.51 13.15
N THR F 114 -23.79 38.10 13.78
CA THR F 114 -23.94 38.72 15.09
C THR F 114 -23.41 40.14 15.02
N THR F 115 -24.15 41.08 15.61
CA THR F 115 -23.83 42.49 15.52
C THR F 115 -22.91 42.91 16.65
N LEU F 116 -21.79 43.54 16.28
CA LEU F 116 -20.88 44.16 17.22
C LEU F 116 -20.91 45.67 17.02
N THR F 117 -20.98 46.41 18.12
CA THR F 117 -21.04 47.86 18.09
C THR F 117 -20.04 48.43 19.07
N VAL F 118 -19.09 49.21 18.57
CA VAL F 118 -18.09 49.88 19.40
C VAL F 118 -18.40 51.37 19.38
N SER F 119 -18.73 51.93 20.53
CA SER F 119 -19.20 53.31 20.63
C SER F 119 -18.01 54.23 20.91
N ALA F 120 -17.71 55.11 19.96
CA ALA F 120 -16.62 56.05 20.12
C ALA F 120 -16.97 57.13 21.13
N ALA F 136 -0.31 45.55 -1.54
CA ALA F 136 -0.09 44.48 -2.49
C ALA F 136 -1.33 43.60 -2.63
N ASP F 137 -2.38 43.95 -1.89
CA ASP F 137 -3.62 43.21 -1.94
C ASP F 137 -4.30 43.38 -3.30
N ILE F 138 -4.97 42.32 -3.75
CA ILE F 138 -5.76 42.39 -4.97
C ILE F 138 -6.96 43.29 -4.72
N VAL F 139 -7.22 44.21 -5.65
CA VAL F 139 -8.33 45.15 -5.53
C VAL F 139 -9.43 44.71 -6.49
N MET F 140 -10.57 44.34 -5.94
CA MET F 140 -11.72 43.93 -6.72
C MET F 140 -12.62 45.15 -6.91
N THR F 141 -12.86 45.51 -8.17
CA THR F 141 -13.58 46.73 -8.49
C THR F 141 -14.93 46.37 -9.08
N GLN F 142 -16.00 46.93 -8.51
CA GLN F 142 -17.35 46.80 -9.04
C GLN F 142 -17.85 48.22 -9.25
N ALA F 143 -17.60 48.76 -10.44
CA ALA F 143 -17.86 50.17 -10.71
C ALA F 143 -19.33 50.50 -10.52
N THR F 144 -20.22 49.67 -11.07
CA THR F 144 -21.64 49.87 -10.86
C THR F 144 -22.00 49.55 -9.42
N SER F 145 -22.74 50.47 -8.79
CA SER F 145 -23.18 50.27 -7.42
C SER F 145 -24.69 50.11 -7.28
N SER F 146 -25.45 50.42 -8.33
CA SER F 146 -26.90 50.28 -8.30
C SER F 146 -27.41 50.22 -9.73
N VAL F 147 -28.11 49.14 -10.07
CA VAL F 147 -28.61 48.90 -11.42
C VAL F 147 -30.12 48.74 -11.35
N PRO F 148 -30.89 49.54 -12.09
CA PRO F 148 -32.35 49.33 -12.13
C PRO F 148 -32.68 48.09 -12.95
N VAL F 149 -33.56 47.26 -12.41
CA VAL F 149 -33.91 45.99 -13.04
C VAL F 149 -35.42 45.90 -13.16
N THR F 150 -35.86 45.03 -14.07
CA THR F 150 -37.27 44.74 -14.26
C THR F 150 -37.46 43.23 -14.30
N PRO F 151 -38.47 42.69 -13.59
CA PRO F 151 -38.67 41.23 -13.59
C PRO F 151 -39.01 40.69 -14.97
N GLY F 152 -38.12 39.86 -15.52
CA GLY F 152 -38.35 39.27 -16.82
C GLY F 152 -37.17 39.43 -17.76
N GLU F 153 -36.38 40.48 -17.56
CA GLU F 153 -35.23 40.76 -18.41
C GLU F 153 -33.96 40.18 -17.78
N SER F 154 -32.85 40.31 -18.49
CA SER F 154 -31.57 39.79 -18.06
C SER F 154 -30.68 40.93 -17.60
N VAL F 155 -29.98 40.71 -16.48
CA VAL F 155 -29.09 41.71 -15.90
C VAL F 155 -27.70 41.11 -15.78
N SER F 156 -26.71 41.83 -16.29
CA SER F 156 -25.31 41.39 -16.23
C SER F 156 -24.53 42.31 -15.31
N ILE F 157 -23.83 41.73 -14.35
CA ILE F 157 -23.07 42.47 -13.35
C ILE F 157 -21.60 42.30 -13.66
N SER F 158 -20.89 43.42 -13.73
CA SER F 158 -19.48 43.41 -14.12
C SER F 158 -18.58 43.44 -12.90
N CYS F 159 -17.36 42.93 -13.08
CA CYS F 159 -16.37 42.88 -12.01
C CYS F 159 -14.98 42.89 -12.64
N ARG F 160 -14.05 43.56 -11.96
CA ARG F 160 -12.67 43.61 -12.43
C ARG F 160 -11.74 43.40 -11.24
N SER F 161 -10.53 42.92 -11.53
CA SER F 161 -9.54 42.67 -10.49
C SER F 161 -8.22 43.28 -10.89
N SER F 162 -7.44 43.71 -9.89
CA SER F 162 -6.14 44.31 -10.16
C SER F 162 -5.18 43.27 -10.75
N LYS F 163 -5.22 42.05 -10.25
CA LYS F 163 -4.38 40.97 -10.75
C LYS F 163 -5.21 39.99 -11.57
N SER F 164 -4.52 39.19 -12.36
CA SER F 164 -5.17 38.12 -13.11
C SER F 164 -5.45 36.96 -12.18
N LEU F 165 -6.72 36.55 -12.09
CA LEU F 165 -7.13 35.49 -11.19
C LEU F 165 -6.97 34.10 -11.79
N LEU F 166 -6.54 34.01 -13.05
CA LEU F 166 -6.34 32.71 -13.69
C LEU F 166 -5.00 32.15 -13.27
N HIS F 167 -5.04 31.12 -12.43
CA HIS F 167 -3.83 30.46 -11.97
C HIS F 167 -3.27 29.56 -13.06
N SER F 168 -2.02 29.13 -12.85
CA SER F 168 -1.38 28.24 -13.82
C SER F 168 -2.07 26.88 -13.92
N ASN F 169 -2.79 26.46 -12.88
CA ASN F 169 -3.50 25.20 -12.93
C ASN F 169 -4.77 25.26 -13.75
N GLY F 170 -5.20 26.44 -14.18
CA GLY F 170 -6.36 26.60 -15.02
C GLY F 170 -7.59 27.14 -14.30
N ASN F 171 -7.60 27.11 -12.98
CA ASN F 171 -8.73 27.65 -12.23
C ASN F 171 -8.66 29.17 -12.18
N THR F 172 -9.82 29.82 -12.31
CA THR F 172 -9.95 31.25 -12.12
C THR F 172 -10.72 31.47 -10.83
N TYR F 173 -10.01 31.87 -9.77
CA TYR F 173 -10.58 31.89 -8.42
C TYR F 173 -11.37 33.17 -8.23
N LEU F 174 -12.59 33.17 -8.75
CA LEU F 174 -13.54 34.25 -8.54
C LEU F 174 -14.86 33.70 -8.02
N TYR F 175 -15.43 34.37 -7.03
CA TYR F 175 -16.64 33.93 -6.36
C TYR F 175 -17.70 35.01 -6.44
N TRP F 176 -18.95 34.60 -6.59
CA TRP F 176 -20.10 35.52 -6.64
C TRP F 176 -21.04 35.19 -5.50
N PHE F 177 -21.47 36.21 -4.78
CA PHE F 177 -22.36 36.04 -3.63
C PHE F 177 -23.57 36.94 -3.79
N LEU F 178 -24.68 36.50 -3.21
CA LEU F 178 -25.93 37.26 -3.19
C LEU F 178 -26.33 37.48 -1.74
N GLN F 179 -26.59 38.73 -1.39
CA GLN F 179 -27.06 39.07 -0.05
C GLN F 179 -28.45 39.69 -0.19
N ARG F 180 -29.48 38.88 0.07
CA ARG F 180 -30.83 39.38 0.07
C ARG F 180 -31.02 40.36 1.23
N PRO F 181 -31.95 41.31 1.10
CA PRO F 181 -32.14 42.30 2.17
C PRO F 181 -32.48 41.63 3.49
N GLY F 182 -31.80 42.07 4.55
CA GLY F 182 -32.00 41.49 5.86
C GLY F 182 -31.67 40.02 5.93
N GLN F 183 -30.60 39.59 5.26
CA GLN F 183 -30.24 38.19 5.21
C GLN F 183 -28.74 38.05 5.04
N SER F 184 -28.23 36.87 5.36
CA SER F 184 -26.82 36.57 5.21
C SER F 184 -26.49 36.31 3.74
N PRO F 185 -25.25 36.56 3.34
CA PRO F 185 -24.86 36.26 1.96
C PRO F 185 -24.91 34.77 1.68
N GLN F 186 -25.15 34.42 0.43
CA GLN F 186 -25.17 33.05 -0.02
C GLN F 186 -24.32 32.92 -1.27
N LEU F 187 -23.74 31.75 -1.48
CA LEU F 187 -22.86 31.52 -2.61
C LEU F 187 -23.68 31.25 -3.87
N LEU F 188 -23.29 31.89 -4.97
CA LEU F 188 -23.93 31.67 -6.26
C LEU F 188 -23.01 30.92 -7.22
N ILE F 189 -21.80 31.43 -7.45
CA ILE F 189 -20.86 30.85 -8.39
C ILE F 189 -19.50 30.78 -7.71
N TYR F 190 -18.83 29.64 -7.85
CA TYR F 190 -17.48 29.47 -7.32
C TYR F 190 -16.53 29.17 -8.46
N ARG F 191 -15.36 29.81 -8.43
CA ARG F 191 -14.33 29.68 -9.46
C ARG F 191 -14.85 30.10 -10.83
N MET F 192 -15.71 31.11 -10.85
CA MET F 192 -16.05 31.92 -12.01
C MET F 192 -16.95 31.20 -13.03
N SER F 193 -17.15 29.89 -12.85
CA SER F 193 -17.98 29.16 -13.81
C SER F 193 -18.93 28.17 -13.19
N ASN F 194 -18.70 27.69 -11.98
CA ASN F 194 -19.44 26.57 -11.41
C ASN F 194 -20.60 27.09 -10.58
N LEU F 195 -21.81 26.64 -10.89
CA LEU F 195 -22.99 27.03 -10.16
C LEU F 195 -23.06 26.27 -8.85
N ALA F 196 -23.31 26.99 -7.76
CA ALA F 196 -23.40 26.36 -6.46
C ALA F 196 -24.66 25.52 -6.35
N SER F 197 -24.64 24.58 -5.40
CA SER F 197 -25.81 23.72 -5.18
C SER F 197 -26.97 24.53 -4.63
N GLY F 198 -28.17 24.25 -5.13
CA GLY F 198 -29.35 24.98 -4.73
C GLY F 198 -29.57 26.28 -5.46
N VAL F 199 -28.77 26.59 -6.47
CA VAL F 199 -28.87 27.82 -7.24
C VAL F 199 -29.49 27.49 -8.60
N PRO F 200 -30.56 28.17 -9.00
CA PRO F 200 -31.18 27.87 -10.30
C PRO F 200 -30.26 28.22 -11.45
N ASP F 201 -30.49 27.54 -12.58
CA ASP F 201 -29.66 27.70 -13.78
C ASP F 201 -29.76 29.09 -14.39
N ARG F 202 -30.55 29.99 -13.83
CA ARG F 202 -30.64 31.35 -14.35
C ARG F 202 -29.37 32.15 -14.10
N PHE F 203 -28.53 31.70 -13.16
CA PHE F 203 -27.28 32.39 -12.86
C PHE F 203 -26.13 31.75 -13.63
N SER F 204 -25.33 32.56 -14.30
CA SER F 204 -24.18 32.09 -15.05
C SER F 204 -23.04 33.08 -14.91
N GLY F 205 -21.82 32.58 -15.07
CA GLY F 205 -20.65 33.40 -14.91
C GLY F 205 -19.67 33.17 -16.04
N SER F 206 -18.88 34.21 -16.33
CA SER F 206 -17.91 34.15 -17.41
C SER F 206 -16.78 35.14 -17.10
N GLY F 207 -15.98 35.43 -18.11
CA GLY F 207 -14.75 36.19 -17.95
C GLY F 207 -13.54 35.31 -18.16
N SER F 208 -12.39 35.95 -18.43
CA SER F 208 -11.20 35.20 -18.78
C SER F 208 -10.09 35.31 -17.74
N GLY F 209 -9.52 36.50 -17.53
CA GLY F 209 -8.47 36.61 -16.55
C GLY F 209 -8.60 37.73 -15.54
N THR F 210 -9.22 38.83 -15.96
CA THR F 210 -9.28 40.01 -15.11
C THR F 210 -10.62 40.72 -15.13
N ALA F 211 -11.52 40.43 -16.07
CA ALA F 211 -12.85 41.01 -16.11
C ALA F 211 -13.86 39.89 -16.16
N PHE F 212 -14.81 39.90 -15.23
CA PHE F 212 -15.79 38.84 -15.10
C PHE F 212 -17.18 39.44 -15.06
N THR F 213 -18.15 38.70 -15.60
CA THR F 213 -19.53 39.12 -15.63
C THR F 213 -20.43 37.99 -15.18
N LEU F 214 -21.48 38.34 -14.44
CA LEU F 214 -22.48 37.40 -13.95
C LEU F 214 -23.82 37.80 -14.53
N THR F 215 -24.37 36.97 -15.40
CA THR F 215 -25.64 37.27 -16.06
C THR F 215 -26.77 36.47 -15.41
N ILE F 216 -27.84 37.17 -15.09
CA ILE F 216 -29.03 36.53 -14.52
C ILE F 216 -30.16 36.61 -15.54
N SER F 217 -30.28 35.57 -16.36
CA SER F 217 -31.33 35.55 -17.36
C SER F 217 -32.69 35.34 -16.71
N ARG F 218 -33.70 36.04 -17.22
CA ARG F 218 -35.06 35.98 -16.69
C ARG F 218 -35.09 36.28 -15.19
N LEU F 219 -34.67 37.50 -14.85
CA LEU F 219 -34.62 37.92 -13.46
C LEU F 219 -36.01 37.89 -12.85
N GLU F 220 -36.09 37.45 -11.60
CA GLU F 220 -37.34 37.38 -10.86
C GLU F 220 -37.12 37.93 -9.47
N ALA F 221 -38.23 38.17 -8.76
CA ALA F 221 -38.15 38.71 -7.42
C ALA F 221 -37.37 37.76 -6.50
N GLU F 222 -37.01 38.27 -5.33
CA GLU F 222 -36.13 37.64 -4.35
C GLU F 222 -34.69 37.54 -4.85
N ASP F 223 -34.41 37.96 -6.07
CA ASP F 223 -33.04 38.11 -6.55
C ASP F 223 -32.51 39.52 -6.33
N VAL F 224 -33.32 40.43 -5.79
CA VAL F 224 -32.84 41.75 -5.45
C VAL F 224 -31.91 41.66 -4.25
N GLY F 225 -30.99 42.60 -4.16
CA GLY F 225 -29.99 42.58 -3.12
C GLY F 225 -28.62 42.89 -3.68
N VAL F 226 -27.59 42.81 -2.84
CA VAL F 226 -26.25 43.19 -3.23
C VAL F 226 -25.49 41.95 -3.69
N TYR F 227 -24.85 42.06 -4.86
CA TYR F 227 -24.02 40.99 -5.40
C TYR F 227 -22.56 41.35 -5.18
N TYR F 228 -21.83 40.44 -4.53
CA TYR F 228 -20.45 40.67 -4.17
C TYR F 228 -19.54 39.73 -4.94
N CYS F 229 -18.35 40.21 -5.29
CA CYS F 229 -17.32 39.42 -5.95
C CYS F 229 -16.16 39.24 -4.99
N MET F 230 -15.65 38.02 -4.89
CA MET F 230 -14.54 37.72 -4.00
C MET F 230 -13.49 36.95 -4.78
N GLN F 231 -12.22 37.25 -4.51
CA GLN F 231 -11.12 36.49 -5.09
C GLN F 231 -10.60 35.49 -4.07
N HIS F 232 -10.19 34.33 -4.55
CA HIS F 232 -9.59 33.32 -3.70
C HIS F 232 -8.23 32.89 -4.23
N LEU F 233 -7.47 33.82 -4.79
CA LEU F 233 -6.15 33.53 -5.31
C LEU F 233 -5.06 33.71 -4.24
N GLU F 234 -5.10 34.82 -3.52
CA GLU F 234 -4.17 35.06 -2.43
C GLU F 234 -4.95 35.37 -1.16
N TYR F 235 -4.49 34.81 -0.05
CA TYR F 235 -5.30 34.70 1.15
C TYR F 235 -5.73 36.01 1.82
N PRO F 236 -5.08 37.14 1.57
CA PRO F 236 -5.82 38.37 1.94
C PRO F 236 -7.03 38.55 1.02
N LEU F 237 -8.08 37.78 1.29
CA LEU F 237 -9.24 37.72 0.40
C LEU F 237 -9.98 39.05 0.42
N THR F 238 -10.25 39.58 -0.76
CA THR F 238 -10.83 40.90 -0.91
C THR F 238 -12.16 40.81 -1.65
N PHE F 239 -13.15 41.53 -1.14
CA PHE F 239 -14.48 41.58 -1.73
C PHE F 239 -14.65 42.84 -2.54
N GLY F 240 -15.61 42.83 -3.45
CA GLY F 240 -15.95 44.02 -4.18
C GLY F 240 -16.82 44.95 -3.36
N ALA F 241 -17.03 46.15 -3.90
CA ALA F 241 -17.89 47.11 -3.22
C ALA F 241 -19.33 46.63 -3.15
N GLY F 242 -19.75 45.79 -4.10
CA GLY F 242 -21.09 45.27 -4.10
C GLY F 242 -22.01 46.02 -5.04
N THR F 243 -22.63 45.29 -5.97
CA THR F 243 -23.57 45.87 -6.93
C THR F 243 -24.98 45.59 -6.45
N LYS F 244 -25.76 46.65 -6.25
CA LYS F 244 -27.13 46.53 -5.76
C LYS F 244 -28.10 46.41 -6.92
N LEU F 245 -29.10 45.54 -6.76
CA LEU F 245 -30.14 45.34 -7.75
C LEU F 245 -31.46 45.82 -7.16
N GLU F 246 -32.00 46.89 -7.72
CA GLU F 246 -33.24 47.49 -7.26
C GLU F 246 -34.34 47.22 -8.27
N LEU F 247 -35.48 46.72 -7.78
CA LEU F 247 -36.59 46.38 -8.66
C LEU F 247 -37.21 47.64 -9.27
#